data_3EPD
#
_entry.id   3EPD
#
_cell.length_a   1.000
_cell.length_b   1.000
_cell.length_c   1.000
_cell.angle_alpha   90.00
_cell.angle_beta   90.00
_cell.angle_gamma   90.00
#
_symmetry.space_group_name_H-M   'P 1'
#
loop_
_entity.id
_entity.type
_entity.pdbx_description
1 polymer 'Poliovirus receptor'
2 polymer 'Poliovirus Type3 peptide'
3 polymer 'protein VP1'
4 polymer 'protein VP2'
5 polymer 'protein VP4'
6 polymer 'protein VP3'
7 non-polymer SPHINGOSINE
8 non-polymer 'MYRISTIC ACID'
#
loop_
_entity_poly.entity_id
_entity_poly.type
_entity_poly.pdbx_seq_one_letter_code
_entity_poly.pdbx_strand_id
1 'polypeptide(L)'
;VVQAPTQVPGFLGDSVTLPCYLQVPNMEVTHVSQLTWARHGESGSMAVFHQTQGPSYSESKRLEFVAARLGAELRDASLR
MFGLRVEDEGSYTCLFVTFPQGSRSVDIWLRVLAKPQNTAEVQKVQLTGEPVPMARCVSTGGRPPAQITWHSDLGGMPQT
SQVPGFLSGTVTVTSLWILVPSSQVDGKQVTCKVEHESFEKPQLLTVSLTVYY
;
R
2 'polypeptide(L)' ISEV 0
3 'polypeptide(L)'
;QDSLPDTKASGPAHSKEVPALTAVETGATNPLAPSDTVQTRHVVQRRSRSESTIESFFARGACVAIIEVDNEQPTTRAQK
LFAMWRITYKDTVQLRRKLEFFTYSRFDMEFTFVVTANFTNANNGHALNQVYQIMYIPPGAPTPKSWDDYTWQTSSNPSI
FYTYGAAPARISVPYVGLANAYSHFYDGFAKVPLKTDANDQIGDSLYSAMTVDDFGVLAVRVVNDHNPTKVTSKVRIYMK
PKHVRVWCPRPPRAVPYYGPGVDYRNNLDPLSEKGLTTY
;
1
4 'polypeptide(L)'
;ACGYSDRVLQLTLGNSTITTQEAANSVVAYGRWPEFIRDDEANPVDQPTEPDVATCRFYTLDTVMWGKESKGWWWKLPDA
LRDMGLFGQNMYYHYLGRSGYTVHVQCNASKFHQGALGVFAIPEYCLAGDSDKQRYTSYANANPGERGGKFYSQFNKDNA
VTSPKREFCPVDYLLGCGVLLGNAFVYPHQIINLRTNNSATIVLPYVNALAIDSMVKHNNWGIAILPLSPLDFAQDSSVE
IPITVTIAPMCSEFNGLRNVTAPKFQ
;
2
5 'polypeptide(L)' GAQVSSQKVGAHENSNRAYGGSTINYTTINYYKDSASNAASKQDYSQDPSKFTEPLKDVLIKTAPALN 4
6 'polypeptide(L)'
;GLPVLNTPGSNQYLTSDNHQSPCAIPEFDVTPPIDIPGEVKNMMELAEIDTMIPLNLESTKRNTMDMYRVTLSDSADLSQ
PILCLSLSPAFDPRLSHTMLGEVLNYYTHWAGSLKFTFLFCGSMMATGKILVAYAPPGAQPPTSRKEAMLGTHVIWDLGL
QSSCTMVVPWISNVTYRQTTQDSFTEGGYISMFYQTRIVVPLSTPKSMSMLGFVSACNDFSVRLLRDTTHISQSA
;
3
#
# COMPACT_ATOMS: atom_id res chain seq x y z
N VAL A 1 22.31 7.55 -9.36
CA VAL A 1 22.44 7.34 -10.83
C VAL A 1 22.25 5.85 -11.19
N VAL A 2 21.90 5.60 -12.45
CA VAL A 2 21.66 4.24 -12.94
C VAL A 2 22.90 3.62 -13.59
N GLN A 3 23.33 2.48 -13.05
CA GLN A 3 24.49 1.74 -13.59
C GLN A 3 24.23 0.23 -13.63
N ALA A 4 23.23 -0.16 -14.40
CA ALA A 4 22.86 -1.58 -14.55
C ALA A 4 23.76 -2.29 -15.57
N PRO A 5 24.42 -3.38 -15.13
CA PRO A 5 25.32 -4.14 -15.99
C PRO A 5 24.67 -5.29 -16.77
N THR A 6 23.38 -5.51 -16.53
CA THR A 6 22.69 -6.71 -17.01
C THR A 6 22.53 -6.78 -18.53
N GLN A 7 23.52 -7.40 -19.17
CA GLN A 7 23.45 -7.75 -20.58
C GLN A 7 23.92 -9.20 -20.61
N VAL A 8 23.04 -10.09 -20.19
CA VAL A 8 23.46 -11.41 -19.73
C VAL A 8 23.03 -12.63 -20.54
N PRO A 9 24.01 -13.40 -21.03
CA PRO A 9 23.80 -14.82 -21.29
C PRO A 9 24.18 -15.59 -20.03
N GLY A 10 23.19 -16.11 -19.29
CA GLY A 10 21.79 -16.15 -19.72
C GLY A 10 21.41 -17.59 -19.96
N PHE A 11 22.34 -18.48 -19.63
CA PHE A 11 22.31 -19.92 -19.94
C PHE A 11 20.95 -20.61 -19.73
N LEU A 12 20.62 -21.47 -20.69
CA LEU A 12 19.34 -22.20 -20.70
C LEU A 12 19.48 -23.63 -20.20
N GLY A 13 18.35 -24.24 -19.89
CA GLY A 13 18.29 -25.56 -19.30
C GLY A 13 17.06 -25.67 -18.40
N ASP A 14 16.97 -24.83 -17.38
CA ASP A 14 18.01 -23.85 -17.05
C ASP A 14 18.76 -24.20 -15.74
N SER A 15 19.01 -23.28 -14.79
CA SER A 15 18.53 -21.90 -14.77
C SER A 15 19.61 -20.93 -14.26
N VAL A 16 19.47 -19.67 -14.65
CA VAL A 16 20.37 -18.60 -14.18
C VAL A 16 19.59 -17.36 -13.72
N THR A 17 20.30 -16.41 -13.12
CA THR A 17 19.70 -15.20 -12.57
C THR A 17 19.61 -14.05 -13.58
N LEU A 18 18.71 -13.11 -13.31
CA LEU A 18 18.61 -11.86 -14.07
C LEU A 18 18.82 -10.68 -13.10
N PRO A 19 20.08 -10.26 -12.91
CA PRO A 19 20.43 -9.26 -11.90
C PRO A 19 20.05 -7.83 -12.29
N CYS A 20 20.15 -6.91 -11.33
CA CYS A 20 19.95 -5.49 -11.57
C CYS A 20 20.67 -4.67 -10.48
N TYR A 21 21.80 -4.07 -10.86
CA TYR A 21 22.60 -3.30 -9.92
C TYR A 21 22.43 -1.81 -10.15
N LEU A 22 22.09 -1.09 -9.09
CA LEU A 22 22.01 0.37 -9.15
C LEU A 22 22.85 0.97 -8.03
N GLN A 23 24.15 1.10 -8.29
CA GLN A 23 25.10 1.67 -7.34
C GLN A 23 24.71 3.12 -7.05
N VAL A 24 24.66 3.46 -5.76
CA VAL A 24 24.14 4.74 -5.33
C VAL A 24 25.22 5.76 -4.93
N PRO A 25 25.36 6.84 -5.73
CA PRO A 25 26.06 8.02 -5.24
C PRO A 25 25.18 8.67 -4.16
N ASN A 26 25.72 9.10 -3.03
CA ASN A 26 27.14 9.18 -2.64
C ASN A 26 27.20 10.31 -1.62
N MET A 27 26.11 11.10 -1.62
CA MET A 27 25.84 12.10 -0.60
C MET A 27 24.39 12.63 -0.70
N GLU A 28 23.68 12.24 -1.76
CA GLU A 28 22.23 12.47 -1.87
C GLU A 28 21.49 11.14 -2.05
N VAL A 29 21.60 10.28 -1.04
CA VAL A 29 21.10 8.90 -1.05
C VAL A 29 19.59 8.75 -1.29
N THR A 30 19.22 7.62 -1.87
CA THR A 30 17.89 7.41 -2.46
C THR A 30 16.87 6.62 -1.61
N HIS A 31 15.70 7.22 -1.43
CA HIS A 31 14.46 6.53 -1.07
C HIS A 31 13.41 7.14 -2.01
N VAL A 32 12.18 6.62 -2.12
CA VAL A 32 11.61 5.53 -1.32
C VAL A 32 12.26 4.17 -1.58
N SER A 33 12.70 3.96 -2.82
CA SER A 33 13.39 2.75 -3.24
C SER A 33 12.51 1.50 -3.30
N GLN A 34 11.41 1.61 -4.04
CA GLN A 34 10.68 0.42 -4.51
C GLN A 34 11.26 0.07 -5.87
N LEU A 35 11.30 -1.23 -6.19
CA LEU A 35 11.86 -1.66 -7.47
C LEU A 35 10.84 -2.38 -8.34
N THR A 36 10.74 -1.93 -9.59
CA THR A 36 9.82 -2.48 -10.58
C THR A 36 10.58 -3.10 -11.75
N TRP A 37 10.07 -4.23 -12.24
CA TRP A 37 10.58 -4.88 -13.44
C TRP A 37 9.45 -5.06 -14.45
N ALA A 38 9.61 -4.48 -15.64
CA ALA A 38 8.63 -4.65 -16.71
C ALA A 38 9.22 -5.44 -17.87
N ARG A 39 8.52 -6.48 -18.30
CA ARG A 39 8.99 -7.33 -19.40
C ARG A 39 8.75 -6.68 -20.76
N HIS A 40 9.29 -7.28 -21.82
CA HIS A 40 9.29 -6.66 -23.14
C HIS A 40 9.26 -7.68 -24.30
N GLY A 41 8.17 -8.43 -24.46
CA GLY A 41 7.02 -8.41 -23.57
C GLY A 41 5.76 -7.78 -24.14
N GLU A 42 4.70 -8.59 -24.25
CA GLU A 42 3.36 -8.07 -24.50
C GLU A 42 2.86 -7.49 -23.18
N SER A 43 3.32 -6.28 -22.89
CA SER A 43 3.10 -5.65 -21.59
C SER A 43 1.85 -4.77 -21.59
N GLY A 44 0.74 -5.36 -21.17
CA GLY A 44 -0.51 -4.63 -20.98
C GLY A 44 -1.22 -5.05 -19.70
N SER A 45 -0.62 -4.82 -18.54
CA SER A 45 0.69 -4.17 -18.40
C SER A 45 1.53 -4.81 -17.29
N MET A 46 1.66 -6.14 -17.33
CA MET A 46 2.29 -6.86 -16.22
C MET A 46 2.96 -8.22 -16.49
N ALA A 47 4.17 -8.34 -15.95
CA ALA A 47 4.84 -9.60 -15.62
C ALA A 47 5.96 -9.16 -14.68
N VAL A 48 5.53 -8.59 -13.56
CA VAL A 48 6.31 -7.58 -12.84
C VAL A 48 6.89 -8.04 -11.50
N PHE A 49 8.14 -7.66 -11.28
CA PHE A 49 8.73 -7.67 -9.95
C PHE A 49 8.51 -6.28 -9.37
N HIS A 50 7.56 -6.16 -8.45
CA HIS A 50 7.43 -4.93 -7.68
C HIS A 50 7.58 -5.20 -6.19
N GLN A 51 8.19 -4.24 -5.50
CA GLN A 51 8.66 -4.44 -4.14
C GLN A 51 8.46 -3.16 -3.32
N THR A 52 7.31 -3.04 -2.67
CA THR A 52 7.00 -1.86 -1.87
C THR A 52 7.57 -1.97 -0.45
N GLN A 53 7.08 -2.95 0.30
CA GLN A 53 7.66 -3.32 1.58
C GLN A 53 7.94 -4.82 1.51
N GLY A 54 6.88 -5.61 1.43
CA GLY A 54 7.00 -7.04 1.16
C GLY A 54 7.04 -7.26 -0.35
N PRO A 55 7.97 -8.11 -0.83
CA PRO A 55 8.10 -8.39 -2.26
C PRO A 55 6.83 -8.97 -2.88
N SER A 56 6.31 -8.29 -3.89
CA SER A 56 5.07 -8.70 -4.54
C SER A 56 5.31 -9.34 -5.91
N TYR A 57 4.82 -10.56 -6.08
CA TYR A 57 4.92 -11.29 -7.34
C TYR A 57 3.74 -10.95 -8.24
N SER A 58 3.95 -10.04 -9.20
CA SER A 58 2.97 -9.83 -10.26
C SER A 58 3.04 -11.05 -11.17
N GLU A 59 1.88 -11.64 -11.44
CA GLU A 59 1.80 -13.06 -11.76
C GLU A 59 2.56 -13.60 -12.98
N SER A 60 3.81 -13.98 -12.73
CA SER A 60 4.54 -14.92 -13.56
C SER A 60 5.10 -15.93 -12.58
N LYS A 61 4.30 -16.97 -12.30
CA LYS A 61 4.57 -17.96 -11.24
C LYS A 61 6.02 -18.45 -11.14
N ARG A 62 6.72 -18.42 -12.28
CA ARG A 62 8.08 -18.94 -12.39
C ARG A 62 9.11 -17.85 -12.08
N LEU A 63 9.09 -17.35 -10.84
CA LEU A 63 10.00 -16.27 -10.43
C LEU A 63 10.62 -16.48 -9.05
N GLU A 64 11.83 -15.95 -8.88
CA GLU A 64 12.52 -15.92 -7.58
C GLU A 64 13.11 -14.54 -7.36
N PHE A 65 12.75 -13.91 -6.24
CA PHE A 65 13.26 -12.59 -5.90
C PHE A 65 14.19 -12.66 -4.69
N VAL A 66 15.42 -12.18 -4.88
CA VAL A 66 16.42 -12.19 -3.82
C VAL A 66 17.05 -10.81 -3.56
N ALA A 67 16.37 -10.04 -2.71
CA ALA A 67 16.88 -8.76 -2.21
C ALA A 67 16.58 -8.67 -0.72
N ALA A 68 17.45 -7.98 0.01
CA ALA A 68 17.25 -7.77 1.44
C ALA A 68 16.08 -6.80 1.67
N ARG A 69 14.86 -7.31 1.47
CA ARG A 69 13.67 -6.48 1.48
C ARG A 69 12.95 -6.45 2.83
N LEU A 70 11.65 -6.15 2.79
CA LEU A 70 10.82 -5.76 3.95
C LEU A 70 11.43 -4.70 4.89
N GLY A 71 12.76 -4.59 4.87
CA GLY A 71 13.47 -3.48 5.51
C GLY A 71 13.85 -2.46 4.45
N ALA A 72 15.12 -2.51 4.03
CA ALA A 72 15.67 -1.65 2.97
C ALA A 72 17.14 -2.03 2.70
N GLU A 73 17.75 -1.43 1.67
CA GLU A 73 19.22 -1.57 1.47
C GLU A 73 20.07 -0.38 0.95
N LEU A 74 19.91 0.12 -0.29
CA LEU A 74 18.79 -0.15 -1.20
C LEU A 74 19.16 -1.10 -2.36
N ARG A 75 18.55 -0.88 -3.53
CA ARG A 75 18.45 -1.92 -4.54
C ARG A 75 19.60 -2.18 -5.52
N ASP A 76 20.35 -3.24 -5.21
CA ASP A 76 21.16 -3.96 -6.18
C ASP A 76 20.55 -5.36 -6.28
N ALA A 77 19.25 -5.41 -6.53
CA ALA A 77 18.45 -6.64 -6.45
C ALA A 77 18.72 -7.62 -7.58
N SER A 78 18.55 -8.90 -7.28
CA SER A 78 18.70 -9.96 -8.25
C SER A 78 17.38 -10.71 -8.43
N LEU A 79 17.01 -10.96 -9.68
CA LEU A 79 15.84 -11.77 -10.02
C LEU A 79 16.27 -13.10 -10.61
N ARG A 80 15.36 -14.06 -10.64
CA ARG A 80 15.63 -15.36 -11.26
C ARG A 80 14.38 -15.95 -11.89
N MET A 81 14.53 -16.48 -13.10
CA MET A 81 13.42 -17.06 -13.85
C MET A 81 13.57 -18.56 -14.10
N PHE A 82 13.00 -19.35 -13.20
CA PHE A 82 12.82 -20.79 -13.45
C PHE A 82 11.42 -21.28 -13.06
N GLY A 83 10.83 -22.15 -13.88
CA GLY A 83 11.43 -22.63 -15.13
C GLY A 83 10.56 -23.68 -15.81
N LEU A 84 11.12 -24.42 -16.78
CA LEU A 84 12.51 -24.26 -17.20
C LEU A 84 12.58 -24.03 -18.71
N ARG A 85 11.43 -23.78 -19.31
CA ARG A 85 11.28 -23.59 -20.75
C ARG A 85 11.84 -22.25 -21.23
N VAL A 86 12.14 -22.16 -22.52
CA VAL A 86 12.66 -20.94 -23.15
C VAL A 86 11.55 -19.89 -23.27
N GLU A 87 11.21 -19.27 -22.15
CA GLU A 87 10.31 -18.12 -22.13
C GLU A 87 11.17 -16.89 -22.42
N ASP A 88 11.56 -16.75 -23.68
CA ASP A 88 12.67 -15.86 -24.05
C ASP A 88 12.30 -14.42 -24.43
N GLU A 89 13.07 -13.87 -25.37
CA GLU A 89 13.16 -12.43 -25.56
C GLU A 89 13.05 -12.01 -27.03
N GLY A 90 12.45 -10.84 -27.30
CA GLY A 90 11.89 -9.97 -26.26
C GLY A 90 12.93 -9.15 -25.51
N SER A 91 12.63 -8.86 -24.24
CA SER A 91 13.56 -8.16 -23.32
C SER A 91 12.98 -7.97 -21.91
N TYR A 92 13.79 -7.38 -21.03
CA TYR A 92 13.36 -7.05 -19.67
C TYR A 92 13.88 -5.68 -19.24
N THR A 93 13.14 -5.01 -18.36
CA THR A 93 13.51 -3.68 -17.85
C THR A 93 13.63 -3.68 -16.34
N CYS A 94 14.26 -2.64 -15.79
CA CYS A 94 14.47 -2.51 -14.35
C CYS A 94 14.34 -1.04 -13.93
N LEU A 95 13.16 -0.69 -13.41
CA LEU A 95 12.86 0.71 -13.04
C LEU A 95 12.62 0.92 -11.54
N PHE A 96 13.25 1.95 -10.98
CA PHE A 96 13.19 2.25 -9.55
C PHE A 96 12.34 3.50 -9.30
N VAL A 97 12.00 3.74 -8.03
CA VAL A 97 11.33 4.99 -7.62
C VAL A 97 12.08 5.69 -6.48
N THR A 98 12.01 7.02 -6.47
CA THR A 98 12.88 7.84 -5.62
C THR A 98 12.17 9.12 -5.14
N PHE A 99 12.47 9.54 -3.90
CA PHE A 99 11.98 10.80 -3.32
C PHE A 99 12.63 11.99 -4.05
N PRO A 100 13.98 12.06 -4.11
CA PRO A 100 14.60 12.90 -5.14
C PRO A 100 14.27 12.40 -6.54
N GLN A 101 14.93 12.94 -7.56
CA GLN A 101 14.67 12.53 -8.94
C GLN A 101 15.20 11.13 -9.20
N GLY A 102 14.30 10.19 -9.49
CA GLY A 102 14.67 8.81 -9.77
C GLY A 102 13.50 7.85 -9.90
N SER A 103 12.33 8.37 -10.26
CA SER A 103 11.18 7.55 -10.59
C SER A 103 11.34 7.14 -12.05
N ARG A 104 12.42 6.39 -12.27
CA ARG A 104 13.06 6.25 -13.57
C ARG A 104 14.19 5.24 -13.47
N SER A 105 14.55 4.64 -14.61
CA SER A 105 15.79 3.88 -14.76
C SER A 105 16.11 3.56 -16.22
N VAL A 106 16.47 2.31 -16.49
CA VAL A 106 16.90 1.90 -17.82
C VAL A 106 16.46 0.48 -18.19
N ASP A 107 16.07 0.29 -19.44
CA ASP A 107 15.77 -1.03 -20.01
C ASP A 107 17.07 -1.76 -20.34
N ILE A 108 17.15 -3.04 -19.96
CA ILE A 108 18.39 -3.80 -20.12
C ILE A 108 18.13 -5.32 -20.22
N TRP A 109 18.62 -5.94 -21.29
CA TRP A 109 18.17 -7.29 -21.70
C TRP A 109 19.27 -8.11 -22.38
N LEU A 110 19.00 -9.41 -22.62
CA LEU A 110 19.85 -10.24 -23.52
C LEU A 110 19.37 -11.67 -23.88
N ARG A 111 20.24 -12.66 -23.66
CA ARG A 111 20.15 -13.99 -24.29
C ARG A 111 19.49 -15.10 -23.46
N VAL A 112 19.65 -16.34 -23.91
CA VAL A 112 19.05 -17.48 -23.21
C VAL A 112 19.76 -18.78 -23.58
N LEU A 113 19.60 -19.20 -24.83
CA LEU A 113 19.66 -20.62 -25.17
C LEU A 113 21.09 -21.13 -25.15
N ALA A 114 21.40 -22.03 -26.08
CA ALA A 114 21.33 -23.46 -25.79
C ALA A 114 22.63 -24.17 -26.18
N LYS A 115 23.36 -24.65 -25.18
CA LYS A 115 24.58 -25.44 -25.42
C LYS A 115 24.39 -26.93 -25.80
N PRO A 116 25.28 -27.47 -26.68
CA PRO A 116 25.28 -28.88 -27.10
C PRO A 116 26.24 -29.82 -26.34
N GLN A 117 26.25 -31.10 -26.75
CA GLN A 117 27.13 -32.12 -26.17
C GLN A 117 27.77 -32.99 -27.27
N ASN A 118 29.00 -33.45 -27.02
CA ASN A 118 29.77 -34.18 -28.04
C ASN A 118 30.52 -35.43 -27.56
N THR A 119 30.70 -36.38 -28.48
CA THR A 119 31.48 -37.60 -28.26
C THR A 119 32.06 -38.07 -29.59
N ALA A 120 33.13 -38.86 -29.56
CA ALA A 120 33.74 -39.39 -30.76
C ALA A 120 33.71 -40.91 -30.83
N GLU A 121 33.42 -41.43 -32.03
CA GLU A 121 33.38 -42.88 -32.28
C GLU A 121 34.11 -43.22 -33.57
N VAL A 122 34.98 -44.24 -33.51
CA VAL A 122 35.82 -44.59 -34.66
C VAL A 122 35.79 -46.07 -35.06
N GLN A 123 35.21 -46.33 -36.24
CA GLN A 123 35.16 -47.66 -36.87
C GLN A 123 34.58 -47.50 -38.29
N LYS A 124 34.75 -48.46 -39.20
CA LYS A 124 35.22 -49.82 -38.91
C LYS A 124 36.42 -50.28 -39.76
N VAL A 125 36.53 -51.59 -39.94
CA VAL A 125 37.68 -52.25 -40.58
C VAL A 125 38.02 -51.73 -41.98
N GLN A 126 39.31 -51.62 -42.26
CA GLN A 126 39.83 -51.06 -43.50
C GLN A 126 39.91 -52.08 -44.64
N LEU A 127 38.91 -52.03 -45.53
CA LEU A 127 39.00 -52.67 -46.84
C LEU A 127 38.90 -51.57 -47.88
N THR A 128 40.04 -51.29 -48.53
CA THR A 128 40.23 -50.09 -49.33
C THR A 128 40.54 -50.45 -50.80
N GLY A 129 40.30 -49.51 -51.73
CA GLY A 129 39.95 -48.13 -51.45
C GLY A 129 38.53 -47.66 -51.69
N GLU A 130 38.20 -46.47 -51.18
CA GLU A 130 39.12 -45.65 -50.37
C GLU A 130 38.43 -44.60 -49.47
N PRO A 131 37.36 -44.98 -48.75
CA PRO A 131 36.77 -44.08 -47.78
C PRO A 131 36.97 -44.50 -46.30
N VAL A 132 36.08 -44.02 -45.44
CA VAL A 132 36.08 -44.15 -43.95
C VAL A 132 36.95 -45.19 -43.22
N PRO A 133 37.59 -44.77 -42.10
CA PRO A 133 38.23 -45.68 -41.15
C PRO A 133 37.52 -46.09 -39.82
N MET A 134 36.59 -45.36 -39.21
CA MET A 134 36.03 -44.05 -39.57
C MET A 134 35.77 -43.24 -38.29
N ALA A 135 36.25 -42.00 -38.26
CA ALA A 135 36.02 -41.13 -37.10
C ALA A 135 34.75 -40.28 -37.26
N ARG A 136 33.82 -40.43 -36.31
CA ARG A 136 32.59 -39.66 -36.31
C ARG A 136 32.53 -38.72 -35.10
N CYS A 137 32.18 -37.47 -35.35
CA CYS A 137 32.06 -36.44 -34.32
C CYS A 137 30.58 -36.09 -34.12
N VAL A 138 29.92 -36.86 -33.26
CA VAL A 138 28.49 -36.66 -32.97
C VAL A 138 28.27 -35.39 -32.13
N SER A 139 27.24 -34.63 -32.50
CA SER A 139 26.90 -33.39 -31.80
C SER A 139 25.40 -33.35 -31.47
N THR A 140 25.07 -33.75 -30.24
CA THR A 140 23.67 -33.89 -29.83
C THR A 140 23.17 -32.73 -28.95
N GLY A 141 22.06 -32.13 -29.39
CA GLY A 141 21.30 -31.18 -28.58
C GLY A 141 21.78 -29.74 -28.55
N GLY A 142 21.47 -28.98 -29.61
CA GLY A 142 21.76 -27.54 -29.67
C GLY A 142 21.02 -26.86 -30.81
N ARG A 143 19.92 -26.17 -30.50
CA ARG A 143 19.07 -25.53 -31.52
C ARG A 143 19.84 -24.59 -32.46
N PRO A 144 20.60 -23.61 -31.91
CA PRO A 144 21.50 -22.90 -32.82
C PRO A 144 22.70 -23.82 -33.11
N PRO A 145 22.72 -24.45 -34.30
CA PRO A 145 23.60 -25.57 -34.60
C PRO A 145 25.08 -25.28 -34.34
N ALA A 146 25.73 -26.20 -33.65
CA ALA A 146 27.14 -26.08 -33.32
C ALA A 146 27.99 -26.32 -34.56
N GLN A 147 28.89 -25.38 -34.83
CA GLN A 147 29.78 -25.46 -35.98
C GLN A 147 30.88 -26.50 -35.77
N ILE A 148 30.56 -27.74 -36.15
CA ILE A 148 31.49 -28.86 -36.06
C ILE A 148 32.58 -28.73 -37.13
N THR A 149 33.83 -28.83 -36.70
CA THR A 149 34.98 -28.73 -37.62
C THR A 149 35.97 -29.86 -37.42
N TRP A 150 36.03 -30.76 -38.41
CA TRP A 150 37.00 -31.86 -38.42
C TRP A 150 38.32 -31.40 -39.03
N HIS A 151 39.37 -31.39 -38.22
CA HIS A 151 40.74 -31.30 -38.73
C HIS A 151 41.64 -32.32 -38.05
N SER A 152 42.90 -32.42 -38.49
CA SER A 152 43.79 -33.46 -38.01
C SER A 152 45.26 -33.05 -37.93
N ASP A 153 46.06 -33.63 -38.82
CA ASP A 153 47.52 -33.55 -38.75
C ASP A 153 48.14 -33.25 -40.12
N LEU A 154 47.54 -33.81 -41.17
CA LEU A 154 48.08 -33.70 -42.52
C LEU A 154 47.09 -33.09 -43.51
N GLY A 155 47.46 -33.09 -44.79
CA GLY A 155 46.58 -32.67 -45.87
C GLY A 155 45.59 -33.76 -46.26
N GLY A 156 45.48 -34.77 -45.41
CA GLY A 156 44.47 -35.82 -45.57
C GLY A 156 43.23 -35.48 -44.78
N MET A 157 42.89 -34.19 -44.75
CA MET A 157 41.73 -33.67 -44.03
C MET A 157 40.57 -33.30 -44.96
N PRO A 158 40.85 -32.57 -46.08
CA PRO A 158 39.80 -32.18 -47.04
C PRO A 158 38.88 -33.32 -47.44
N GLN A 159 37.88 -33.56 -46.59
CA GLN A 159 37.01 -34.73 -46.59
C GLN A 159 36.25 -34.60 -45.28
N THR A 160 35.11 -33.91 -45.30
CA THR A 160 34.35 -33.62 -44.09
C THR A 160 32.86 -33.37 -44.37
N SER A 161 32.09 -34.45 -44.42
CA SER A 161 30.65 -34.37 -44.70
C SER A 161 29.83 -34.38 -43.41
N GLN A 162 28.63 -33.79 -43.49
CA GLN A 162 27.83 -33.50 -42.30
C GLN A 162 26.45 -34.16 -42.31
N VAL A 163 26.02 -34.62 -41.13
CA VAL A 163 24.61 -34.92 -40.89
C VAL A 163 23.95 -33.60 -40.49
N PRO A 164 22.95 -33.13 -41.26
CA PRO A 164 22.28 -31.88 -40.91
C PRO A 164 21.34 -32.03 -39.71
N GLY A 165 20.47 -31.04 -39.52
CA GLY A 165 19.63 -30.97 -38.33
C GLY A 165 18.26 -31.59 -38.41
N PHE A 166 18.12 -32.81 -37.90
CA PHE A 166 16.81 -33.40 -37.62
C PHE A 166 16.52 -33.26 -36.12
N LEU A 167 15.94 -32.11 -35.80
CA LEU A 167 15.90 -31.55 -34.43
C LEU A 167 15.14 -32.38 -33.40
N SER A 168 15.76 -32.56 -32.23
CA SER A 168 15.11 -33.15 -31.05
C SER A 168 14.34 -32.05 -30.31
N GLY A 169 13.64 -32.42 -29.24
CA GLY A 169 12.82 -31.47 -28.46
C GLY A 169 13.33 -30.04 -28.42
N THR A 170 12.83 -29.22 -29.35
CA THR A 170 13.22 -27.80 -29.48
C THR A 170 14.67 -27.58 -29.95
N VAL A 171 15.47 -28.64 -29.90
CA VAL A 171 16.92 -28.54 -29.96
C VAL A 171 17.52 -29.31 -31.16
N THR A 172 18.44 -28.68 -31.88
CA THR A 172 19.00 -29.24 -33.13
C THR A 172 20.20 -30.15 -32.90
N VAL A 173 20.33 -31.17 -33.74
CA VAL A 173 21.38 -32.20 -33.61
C VAL A 173 22.09 -32.48 -34.94
N THR A 174 23.39 -32.72 -34.89
CA THR A 174 24.22 -32.95 -36.08
C THR A 174 25.34 -33.98 -35.84
N SER A 175 25.95 -34.47 -36.92
CA SER A 175 27.07 -35.42 -36.84
C SER A 175 28.04 -35.28 -38.02
N LEU A 176 29.25 -34.80 -37.74
CA LEU A 176 30.29 -34.68 -38.75
C LEU A 176 31.20 -35.91 -38.69
N TRP A 177 31.47 -36.51 -39.84
CA TRP A 177 32.25 -37.74 -39.88
C TRP A 177 33.23 -37.84 -41.05
N ILE A 178 34.31 -38.60 -40.81
CA ILE A 178 35.44 -38.70 -41.74
C ILE A 178 36.04 -40.13 -41.68
N LEU A 179 36.58 -40.71 -42.77
CA LEU A 179 36.66 -40.21 -44.15
C LEU A 179 37.48 -38.93 -44.37
N VAL A 180 38.82 -38.95 -44.45
CA VAL A 180 39.81 -40.05 -44.25
C VAL A 180 39.65 -41.50 -44.79
N PRO A 181 40.17 -41.73 -46.00
CA PRO A 181 40.39 -42.97 -46.78
C PRO A 181 41.01 -44.21 -46.11
N SER A 182 42.26 -44.49 -46.45
CA SER A 182 42.76 -45.85 -46.48
C SER A 182 43.96 -46.03 -45.54
N SER A 183 44.33 -47.02 -44.90
CA SER A 183 45.33 -48.02 -45.27
C SER A 183 45.94 -48.69 -44.04
N GLN A 184 46.43 -47.88 -43.11
CA GLN A 184 47.19 -48.42 -41.98
C GLN A 184 46.99 -47.57 -40.73
N VAL A 185 47.95 -46.69 -40.47
CA VAL A 185 48.30 -46.31 -39.08
C VAL A 185 47.18 -45.89 -38.09
N ASP A 186 47.54 -45.87 -36.80
CA ASP A 186 46.60 -45.72 -35.68
C ASP A 186 45.80 -44.41 -35.63
N GLY A 187 46.32 -43.31 -35.09
CA GLY A 187 47.71 -43.11 -34.68
C GLY A 187 47.99 -41.62 -34.61
N LYS A 188 47.05 -40.84 -35.16
CA LYS A 188 47.16 -39.39 -35.25
C LYS A 188 46.14 -38.71 -34.33
N GLN A 189 46.51 -37.55 -33.81
CA GLN A 189 45.62 -36.75 -32.96
C GLN A 189 44.64 -35.96 -33.82
N VAL A 190 43.76 -36.68 -34.50
CA VAL A 190 42.71 -36.09 -35.33
C VAL A 190 41.65 -35.42 -34.43
N THR A 191 41.59 -34.09 -34.49
CA THR A 191 40.82 -33.31 -33.53
C THR A 191 39.58 -32.65 -34.14
N CYS A 192 38.41 -32.99 -33.57
CA CYS A 192 37.16 -32.34 -33.93
C CYS A 192 36.92 -31.15 -33.00
N LYS A 193 36.79 -29.96 -33.59
CA LYS A 193 36.57 -28.73 -32.82
C LYS A 193 35.11 -28.29 -32.92
N VAL A 194 34.35 -28.61 -31.87
CA VAL A 194 32.93 -28.22 -31.80
C VAL A 194 32.83 -26.97 -30.94
N GLU A 195 32.14 -25.95 -31.46
CA GLU A 195 32.12 -24.65 -30.81
C GLU A 195 30.76 -24.34 -30.15
N HIS A 196 30.06 -23.32 -30.66
CA HIS A 196 28.80 -22.80 -30.11
C HIS A 196 29.00 -21.53 -29.28
N GLU A 197 30.25 -21.27 -28.90
CA GLU A 197 30.68 -20.02 -28.24
C GLU A 197 30.26 -19.88 -26.77
N SER A 198 29.66 -20.93 -26.20
CA SER A 198 29.36 -20.98 -24.77
C SER A 198 30.56 -21.58 -24.02
N PHE A 199 30.33 -22.05 -22.80
CA PHE A 199 31.35 -22.68 -21.94
C PHE A 199 32.73 -21.99 -21.97
N GLU A 200 33.81 -22.77 -21.96
CA GLU A 200 35.17 -22.23 -22.03
C GLU A 200 35.69 -22.25 -23.46
N LYS A 201 36.84 -22.91 -23.67
CA LYS A 201 37.39 -23.10 -25.01
C LYS A 201 36.63 -24.21 -25.75
N PRO A 202 36.42 -24.04 -27.08
CA PRO A 202 35.59 -24.96 -27.88
C PRO A 202 35.93 -26.43 -27.68
N GLN A 203 34.89 -27.27 -27.69
CA GLN A 203 35.02 -28.71 -27.42
C GLN A 203 35.99 -29.39 -28.39
N LEU A 204 37.22 -29.57 -27.93
CA LEU A 204 38.27 -30.23 -28.71
C LEU A 204 38.35 -31.70 -28.34
N LEU A 205 37.92 -32.57 -29.24
CA LEU A 205 37.94 -34.02 -29.02
C LEU A 205 38.88 -34.74 -29.98
N THR A 206 39.96 -35.28 -29.42
CA THR A 206 40.98 -36.00 -30.19
C THR A 206 40.85 -37.51 -30.00
N VAL A 207 41.07 -38.26 -31.09
CA VAL A 207 40.86 -39.72 -31.09
C VAL A 207 41.90 -40.53 -31.86
N SER A 208 41.57 -41.79 -32.13
CA SER A 208 42.44 -42.72 -32.84
C SER A 208 41.75 -43.29 -34.09
N LEU A 209 41.98 -44.57 -34.39
CA LEU A 209 41.47 -45.20 -35.61
C LEU A 209 41.41 -46.73 -35.48
N THR A 210 40.48 -47.33 -36.23
CA THR A 210 40.34 -48.79 -36.28
C THR A 210 41.19 -49.38 -37.41
N VAL A 211 42.28 -50.05 -37.02
CA VAL A 211 43.24 -50.60 -37.97
C VAL A 211 43.13 -52.12 -38.04
N TYR A 212 42.68 -52.63 -39.19
CA TYR A 212 42.51 -54.06 -39.43
C TYR A 212 42.64 -54.39 -40.92
N TYR A 213 43.05 -55.61 -41.29
CA TYR A 213 43.35 -56.72 -40.36
C TYR A 213 44.56 -56.43 -39.47
N ILE B 1 -27.16 37.50 -6.77
CA ILE B 1 -26.25 37.56 -5.61
C ILE B 1 -27.00 36.98 -4.39
N SER B 2 -26.28 36.66 -3.30
CA SER B 2 -26.92 36.19 -2.07
C SER B 2 -26.13 36.68 -0.84
N GLU B 3 -26.64 37.75 -0.21
CA GLU B 3 -26.10 38.25 1.06
C GLU B 3 -26.41 37.20 2.15
N VAL B 4 -25.46 37.04 3.10
CA VAL B 4 -25.60 36.10 4.20
C VAL B 4 -25.26 36.83 5.54
N GLN C 1 -22.14 36.55 15.55
CA GLN C 1 -21.92 36.37 16.99
C GLN C 1 -20.99 35.20 17.37
N ASP C 2 -19.72 35.43 17.73
CA ASP C 2 -18.83 34.33 18.06
C ASP C 2 -18.06 34.50 19.37
N SER C 3 -18.52 35.37 20.27
CA SER C 3 -17.73 35.62 21.46
C SER C 3 -17.88 34.51 22.47
N LEU C 4 -16.89 34.43 23.34
CA LEU C 4 -16.88 33.43 24.39
C LEU C 4 -17.88 33.82 25.48
N PRO C 5 -18.30 32.94 26.38
CA PRO C 5 -19.27 33.31 27.41
C PRO C 5 -18.84 34.35 28.39
N ASP C 6 -19.82 35.14 28.82
CA ASP C 6 -19.64 36.19 29.80
C ASP C 6 -19.33 35.62 31.16
N THR C 7 -18.61 36.34 32.01
CA THR C 7 -18.42 35.92 33.38
C THR C 7 -19.63 36.45 34.14
N LYS C 8 -20.24 35.57 34.91
CA LYS C 8 -21.34 35.93 35.77
C LYS C 8 -20.85 36.42 37.09
N ALA C 9 -21.52 37.42 37.65
CA ALA C 9 -21.19 37.87 38.99
C ALA C 9 -21.52 36.80 39.99
N SER C 10 -20.69 36.40 40.95
CA SER C 10 -21.17 35.54 42.00
C SER C 10 -20.55 35.92 43.32
N GLY C 11 -21.30 35.64 44.37
CA GLY C 11 -20.95 36.07 45.70
C GLY C 11 -20.52 34.89 46.55
N PRO C 12 -20.64 35.02 47.86
CA PRO C 12 -20.17 34.06 48.85
C PRO C 12 -20.95 32.77 48.76
N ALA C 13 -20.49 31.67 49.32
CA ALA C 13 -21.25 30.44 49.34
C ALA C 13 -20.94 29.78 50.68
N HIS C 14 -21.89 29.03 51.23
CA HIS C 14 -21.71 28.22 52.42
C HIS C 14 -22.69 27.09 52.07
N SER C 15 -22.36 25.99 51.39
CA SER C 15 -23.40 25.05 51.04
C SER C 15 -22.89 23.65 50.84
N LYS C 16 -23.81 22.74 50.51
CA LYS C 16 -23.49 21.38 50.19
C LYS C 16 -23.12 21.13 48.75
N GLU C 17 -23.18 22.14 47.90
CA GLU C 17 -22.75 21.98 46.54
C GLU C 17 -21.26 22.21 46.60
N VAL C 18 -20.47 21.23 46.18
CA VAL C 18 -19.04 21.37 46.29
C VAL C 18 -18.41 21.19 44.89
N PRO C 19 -18.46 22.15 43.95
CA PRO C 19 -17.81 22.02 42.64
C PRO C 19 -16.30 21.88 42.68
N ALA C 20 -15.61 22.34 43.72
CA ALA C 20 -14.16 22.22 43.78
C ALA C 20 -13.70 20.78 43.99
N LEU C 21 -14.49 19.83 44.51
CA LEU C 21 -14.00 18.46 44.71
C LEU C 21 -14.43 17.64 43.52
N THR C 22 -13.71 16.63 43.06
CA THR C 22 -14.14 15.83 41.94
C THR C 22 -13.39 14.50 42.03
N ALA C 23 -13.49 13.63 41.04
CA ALA C 23 -12.76 12.40 41.00
C ALA C 23 -12.26 12.24 39.57
N VAL C 24 -10.99 12.55 39.23
CA VAL C 24 -10.55 12.42 37.84
C VAL C 24 -10.46 10.96 37.37
N GLU C 25 -10.70 10.02 38.27
CA GLU C 25 -10.69 8.61 37.92
C GLU C 25 -11.75 8.28 36.91
N THR C 26 -12.82 9.06 36.88
CA THR C 26 -13.92 8.77 35.98
C THR C 26 -13.52 8.99 34.53
N GLY C 27 -12.48 9.77 34.25
CA GLY C 27 -12.08 10.04 32.89
C GLY C 27 -12.55 11.40 32.40
N ALA C 28 -13.18 12.19 33.28
CA ALA C 28 -13.74 13.47 32.92
C ALA C 28 -12.95 14.64 33.51
N THR C 29 -12.97 15.80 32.83
CA THR C 29 -12.33 17.05 33.25
C THR C 29 -13.40 17.85 33.99
N ASN C 30 -13.10 18.45 35.13
CA ASN C 30 -14.09 19.19 35.92
C ASN C 30 -14.37 20.52 35.23
N PRO C 31 -15.59 20.79 34.79
CA PRO C 31 -15.92 21.97 33.98
C PRO C 31 -16.07 23.23 34.84
N LEU C 32 -15.13 23.59 35.69
CA LEU C 32 -15.34 24.74 36.53
C LEU C 32 -15.07 26.03 35.78
N ALA C 33 -15.63 27.10 36.32
CA ALA C 33 -15.45 28.45 35.83
C ALA C 33 -14.99 29.22 37.07
N PRO C 34 -14.36 30.39 37.01
CA PRO C 34 -13.90 31.08 38.19
C PRO C 34 -14.98 31.37 39.20
N SER C 35 -16.23 31.55 38.77
CA SER C 35 -17.28 31.82 39.73
C SER C 35 -17.68 30.63 40.57
N ASP C 36 -17.11 29.44 40.34
CA ASP C 36 -17.36 28.29 41.18
C ASP C 36 -16.46 28.29 42.41
N THR C 37 -15.31 28.98 42.38
CA THR C 37 -14.42 28.95 43.51
C THR C 37 -14.04 30.32 44.02
N VAL C 38 -14.38 31.45 43.37
CA VAL C 38 -14.06 32.78 43.89
C VAL C 38 -15.24 33.69 43.63
N GLN C 39 -15.30 34.88 44.24
CA GLN C 39 -16.34 35.83 43.93
C GLN C 39 -15.96 36.53 42.65
N THR C 40 -16.82 36.58 41.65
CA THR C 40 -16.51 37.24 40.40
C THR C 40 -17.45 38.41 40.18
N ARG C 41 -17.06 39.30 39.28
CA ARG C 41 -17.90 40.40 38.85
C ARG C 41 -18.47 39.96 37.49
N HIS C 42 -19.43 40.72 36.94
CA HIS C 42 -19.93 40.43 35.61
C HIS C 42 -18.96 41.03 34.60
N VAL C 43 -18.61 40.28 33.56
CA VAL C 43 -17.74 40.79 32.52
C VAL C 43 -18.43 40.46 31.20
N VAL C 44 -18.66 41.43 30.32
CA VAL C 44 -19.22 41.13 29.01
C VAL C 44 -18.03 40.73 28.17
N GLN C 45 -17.94 39.45 27.81
CA GLN C 45 -16.82 38.89 27.11
C GLN C 45 -16.91 39.11 25.62
N ARG C 46 -15.86 39.66 25.02
CA ARG C 46 -15.82 39.90 23.59
C ARG C 46 -14.77 39.10 22.83
N ARG C 47 -13.89 38.35 23.50
CA ARG C 47 -12.88 37.54 22.83
C ARG C 47 -13.54 36.41 22.06
N SER C 48 -12.92 35.87 21.02
CA SER C 48 -13.47 34.77 20.27
C SER C 48 -12.32 33.86 19.93
N ARG C 49 -12.68 32.66 19.48
CA ARG C 49 -11.70 31.68 19.08
C ARG C 49 -11.60 31.67 17.56
N SER C 50 -11.77 32.80 16.87
CA SER C 50 -11.73 32.82 15.42
C SER C 50 -10.46 32.25 14.81
N GLU C 51 -9.30 32.46 15.44
CA GLU C 51 -8.04 32.04 14.88
C GLU C 51 -7.58 30.66 15.26
N SER C 52 -8.34 29.91 16.06
CA SER C 52 -7.94 28.55 16.34
C SER C 52 -8.95 27.55 15.82
N THR C 53 -9.82 27.93 14.87
CA THR C 53 -10.65 26.95 14.19
C THR C 53 -9.71 25.98 13.47
N ILE C 54 -10.08 24.73 13.12
CA ILE C 54 -9.23 23.85 12.34
C ILE C 54 -8.81 24.52 11.04
N GLU C 55 -9.69 25.22 10.33
CA GLU C 55 -9.32 25.89 9.09
C GLU C 55 -8.24 26.93 9.35
N SER C 56 -8.37 27.84 10.33
CA SER C 56 -7.34 28.84 10.57
C SER C 56 -6.03 28.28 11.11
N PHE C 57 -6.01 27.17 11.84
CA PHE C 57 -4.78 26.57 12.30
C PHE C 57 -4.00 26.04 11.12
N PHE C 58 -4.62 25.54 10.04
CA PHE C 58 -3.88 24.98 8.91
C PHE C 58 -3.76 25.90 7.72
N ALA C 59 -4.30 27.11 7.78
CA ALA C 59 -4.39 27.98 6.62
C ALA C 59 -3.13 28.74 6.29
N ARG C 60 -2.05 28.00 6.04
CA ARG C 60 -0.73 28.57 5.75
C ARG C 60 -0.05 27.69 4.72
N GLY C 61 0.70 28.17 3.73
CA GLY C 61 1.46 27.30 2.86
C GLY C 61 2.67 26.87 3.66
N ALA C 62 2.98 25.58 3.79
CA ALA C 62 4.14 25.14 4.53
C ALA C 62 5.09 24.46 3.57
N CYS C 63 6.40 24.68 3.62
CA CYS C 63 7.32 24.02 2.71
C CYS C 63 7.41 22.53 2.98
N VAL C 64 7.19 21.71 1.95
CA VAL C 64 7.29 20.28 2.10
C VAL C 64 8.36 19.64 1.23
N ALA C 65 9.01 20.32 0.28
CA ALA C 65 10.01 19.71 -0.57
C ALA C 65 10.87 20.76 -1.24
N ILE C 66 12.12 20.45 -1.54
CA ILE C 66 13.01 21.31 -2.32
C ILE C 66 13.55 20.36 -3.39
N ILE C 67 13.22 20.56 -4.66
CA ILE C 67 13.62 19.66 -5.72
C ILE C 67 14.65 20.39 -6.55
N GLU C 68 15.77 19.77 -6.83
CA GLU C 68 16.83 20.40 -7.57
C GLU C 68 16.88 19.86 -8.98
N VAL C 69 16.98 20.71 -9.97
CA VAL C 69 17.00 20.22 -11.33
C VAL C 69 17.97 21.11 -12.11
N ASP C 70 18.77 20.50 -12.96
CA ASP C 70 19.76 21.21 -13.72
C ASP C 70 19.44 21.31 -15.18
N ASN C 71 20.06 22.29 -15.84
CA ASN C 71 19.99 22.36 -17.28
C ASN C 71 21.42 22.55 -17.75
N GLU C 72 21.94 21.47 -18.31
CA GLU C 72 23.30 21.42 -18.82
C GLU C 72 23.38 20.37 -19.92
N GLN C 73 24.50 20.28 -20.63
CA GLN C 73 24.68 19.30 -21.66
C GLN C 73 24.52 17.88 -21.15
N PRO C 74 23.68 17.06 -21.80
CA PRO C 74 23.47 15.67 -21.42
C PRO C 74 24.78 14.94 -21.63
N THR C 75 25.44 14.61 -20.53
CA THR C 75 26.64 13.79 -20.58
C THR C 75 26.16 12.35 -20.33
N THR C 76 27.15 11.47 -20.29
CA THR C 76 26.90 10.05 -20.05
C THR C 76 26.81 9.71 -18.54
N ARG C 77 27.19 10.64 -17.64
CA ARG C 77 27.15 10.30 -16.22
C ARG C 77 25.74 10.58 -15.67
N ALA C 78 25.62 10.39 -14.36
CA ALA C 78 24.39 10.69 -13.64
C ALA C 78 24.29 12.22 -13.52
N GLN C 79 23.14 12.73 -13.96
CA GLN C 79 22.90 14.16 -13.97
C GLN C 79 21.54 14.40 -13.33
N LYS C 80 21.09 15.64 -13.28
CA LYS C 80 19.81 15.96 -12.68
C LYS C 80 19.04 16.71 -13.73
N LEU C 81 19.02 16.20 -14.96
CA LEU C 81 18.29 16.88 -15.99
C LEU C 81 16.79 16.73 -15.74
N PHE C 82 16.34 15.78 -14.92
CA PHE C 82 14.98 15.77 -14.44
C PHE C 82 15.07 15.19 -13.04
N ALA C 83 14.08 15.41 -12.19
CA ALA C 83 14.12 14.97 -10.80
C ALA C 83 12.75 14.42 -10.48
N MET C 84 12.58 13.48 -9.57
CA MET C 84 11.26 12.99 -9.19
C MET C 84 11.10 13.08 -7.69
N TRP C 85 9.96 13.51 -7.16
CA TRP C 85 9.77 13.60 -5.72
C TRP C 85 8.52 12.80 -5.41
N ARG C 86 8.58 11.85 -4.48
CA ARG C 86 7.42 11.11 -4.05
C ARG C 86 6.60 12.03 -3.14
N ILE C 87 5.32 12.29 -3.47
CA ILE C 87 4.55 13.30 -2.75
C ILE C 87 4.31 12.90 -1.31
N THR C 88 4.64 13.79 -0.38
CA THR C 88 4.54 13.51 1.04
C THR C 88 4.66 14.81 1.81
N TYR C 89 4.19 14.80 3.06
CA TYR C 89 4.44 15.92 3.98
C TYR C 89 5.46 15.48 5.02
N LYS C 90 6.06 14.29 4.90
CA LYS C 90 6.97 13.81 5.90
C LYS C 90 8.41 14.06 5.58
N ASP C 91 8.77 14.78 4.53
CA ASP C 91 10.17 15.10 4.36
C ASP C 91 10.50 16.33 5.18
N THR C 92 9.54 17.15 5.61
CA THR C 92 9.86 18.26 6.47
C THR C 92 9.12 17.98 7.78
N VAL C 93 9.35 18.74 8.85
CA VAL C 93 8.76 18.42 10.13
C VAL C 93 7.63 19.33 10.56
N GLN C 94 7.61 20.59 10.15
CA GLN C 94 6.67 21.53 10.74
C GLN C 94 5.22 21.27 10.39
N LEU C 95 4.83 21.05 9.12
CA LEU C 95 3.46 20.73 8.80
C LEU C 95 3.14 19.31 9.29
N ARG C 96 4.03 18.33 9.17
CA ARG C 96 3.83 16.99 9.70
C ARG C 96 3.33 17.04 11.14
N ARG C 97 3.97 17.83 12.01
CA ARG C 97 3.60 17.84 13.40
C ARG C 97 2.23 18.44 13.65
N LYS C 98 1.81 19.45 12.88
CA LYS C 98 0.49 20.04 13.07
C LYS C 98 -0.58 19.05 12.62
N LEU C 99 -0.41 18.37 11.48
CA LEU C 99 -1.39 17.37 11.04
C LEU C 99 -1.48 16.25 12.03
N GLU C 100 -0.38 15.86 12.64
CA GLU C 100 -0.39 14.75 13.58
C GLU C 100 -0.90 15.05 14.97
N PHE C 101 -1.57 16.17 15.17
CA PHE C 101 -2.36 16.37 16.37
C PHE C 101 -3.62 15.52 16.15
N PHE C 102 -3.87 14.94 14.95
CA PHE C 102 -5.11 14.22 14.67
C PHE C 102 -4.82 12.89 14.02
N THR C 103 -5.67 11.88 14.21
CA THR C 103 -5.51 10.58 13.60
C THR C 103 -5.98 10.58 12.15
N TYR C 104 -7.10 11.24 11.80
CA TYR C 104 -7.66 11.18 10.45
C TYR C 104 -7.96 12.58 9.97
N SER C 105 -7.93 12.86 8.67
CA SER C 105 -8.25 14.19 8.18
C SER C 105 -8.93 14.09 6.83
N ARG C 106 -9.61 15.12 6.36
CA ARG C 106 -10.22 15.09 5.05
C ARG C 106 -10.04 16.54 4.61
N PHE C 107 -9.44 16.85 3.47
CA PHE C 107 -9.23 18.21 3.01
C PHE C 107 -8.89 18.24 1.53
N ASP C 108 -8.99 19.40 0.89
CA ASP C 108 -8.51 19.63 -0.47
C ASP C 108 -7.10 20.17 -0.30
N MET C 109 -6.21 20.19 -1.28
CA MET C 109 -4.84 20.61 -1.05
C MET C 109 -4.46 21.65 -2.10
N GLU C 110 -3.93 22.78 -1.66
CA GLU C 110 -3.44 23.79 -2.58
C GLU C 110 -1.93 23.63 -2.66
N PHE C 111 -1.30 23.54 -3.83
CA PHE C 111 0.15 23.48 -3.96
C PHE C 111 0.61 24.77 -4.59
N THR C 112 1.57 25.51 -4.00
CA THR C 112 2.16 26.68 -4.66
C THR C 112 3.63 26.35 -4.86
N PHE C 113 4.20 26.66 -6.02
CA PHE C 113 5.57 26.30 -6.41
C PHE C 113 6.45 27.54 -6.56
N VAL C 114 7.51 27.71 -5.77
CA VAL C 114 8.42 28.85 -5.89
C VAL C 114 9.67 28.32 -6.59
N VAL C 115 10.11 28.91 -7.71
CA VAL C 115 11.24 28.38 -8.48
C VAL C 115 12.36 29.41 -8.51
N THR C 116 13.60 29.06 -8.17
CA THR C 116 14.74 29.99 -8.17
C THR C 116 15.87 29.35 -8.96
N ALA C 117 16.70 30.13 -9.67
CA ALA C 117 17.79 29.58 -10.45
C ALA C 117 19.02 30.41 -10.26
N ASN C 118 20.19 29.86 -10.56
CA ASN C 118 21.45 30.60 -10.47
C ASN C 118 22.47 30.01 -11.40
N PHE C 119 23.51 30.76 -11.74
CA PHE C 119 24.59 30.21 -12.54
C PHE C 119 25.54 29.49 -11.62
N THR C 120 26.28 28.52 -12.11
CA THR C 120 27.24 27.86 -11.25
C THR C 120 28.67 28.21 -11.69
N ASN C 121 28.89 28.64 -12.91
CA ASN C 121 30.22 28.80 -13.44
C ASN C 121 30.25 30.24 -13.83
N ALA C 122 31.44 30.66 -13.43
CA ALA C 122 31.92 32.03 -13.52
C ALA C 122 31.57 32.68 -14.85
N ASN C 123 31.68 31.88 -15.94
CA ASN C 123 31.12 32.27 -17.22
C ASN C 123 31.46 31.42 -18.45
N ASN C 124 30.36 30.96 -19.08
CA ASN C 124 30.41 30.26 -20.37
C ASN C 124 29.16 30.81 -21.06
N GLY C 125 29.22 32.13 -21.25
CA GLY C 125 28.06 32.80 -21.79
C GLY C 125 26.92 32.75 -20.80
N HIS C 126 25.72 32.94 -21.36
CA HIS C 126 24.56 33.02 -20.49
C HIS C 126 23.49 32.04 -20.88
N ALA C 127 22.28 32.33 -20.42
CA ALA C 127 21.17 31.43 -20.55
C ALA C 127 19.93 32.24 -20.88
N LEU C 128 19.02 31.72 -21.70
CA LEU C 128 17.77 32.42 -21.98
C LEU C 128 16.75 31.89 -20.98
N ASN C 129 15.67 32.61 -20.75
CA ASN C 129 14.69 32.29 -19.70
C ASN C 129 14.17 30.87 -19.80
N GLN C 130 14.18 30.17 -18.68
CA GLN C 130 13.77 28.78 -18.66
C GLN C 130 12.30 28.52 -18.37
N VAL C 131 11.73 27.48 -18.99
CA VAL C 131 10.36 27.04 -18.74
C VAL C 131 10.50 25.67 -18.06
N TYR C 132 9.74 25.38 -17.00
CA TYR C 132 9.84 24.15 -16.22
C TYR C 132 8.59 23.32 -16.43
N GLN C 133 8.66 21.98 -16.53
CA GLN C 133 7.47 21.18 -16.64
C GLN C 133 7.41 20.40 -15.35
N ILE C 134 6.30 20.44 -14.61
CA ILE C 134 6.11 19.70 -13.38
C ILE C 134 4.98 18.75 -13.77
N MET C 135 5.25 17.45 -13.95
CA MET C 135 4.25 16.49 -14.34
C MET C 135 3.87 15.58 -13.16
N TYR C 136 2.59 15.39 -12.92
CA TYR C 136 2.17 14.49 -11.85
C TYR C 136 2.07 13.09 -12.44
N ILE C 137 2.74 12.08 -11.87
CA ILE C 137 2.67 10.73 -12.38
C ILE C 137 1.95 9.89 -11.33
N PRO C 138 0.65 9.57 -11.45
CA PRO C 138 -0.10 8.77 -10.50
C PRO C 138 0.43 7.34 -10.45
N PRO C 139 0.34 6.58 -9.35
CA PRO C 139 0.74 5.19 -9.26
C PRO C 139 0.26 4.38 -10.45
N GLY C 140 1.18 3.83 -11.22
CA GLY C 140 0.85 2.98 -12.33
C GLY C 140 1.24 3.60 -13.65
N ALA C 141 1.30 4.93 -13.79
CA ALA C 141 1.62 5.54 -15.06
C ALA C 141 3.11 5.36 -15.33
N PRO C 142 3.63 5.34 -16.57
CA PRO C 142 5.06 5.19 -16.84
C PRO C 142 5.90 6.36 -16.31
N THR C 143 7.04 6.13 -15.66
CA THR C 143 7.90 7.21 -15.16
C THR C 143 8.99 7.52 -16.17
N PRO C 144 9.46 8.76 -16.35
CA PRO C 144 10.48 9.06 -17.32
C PRO C 144 11.80 8.43 -17.00
N LYS C 145 12.43 7.90 -18.01
CA LYS C 145 13.80 7.48 -17.91
C LYS C 145 14.79 8.53 -18.39
N SER C 146 14.42 9.50 -19.21
CA SER C 146 15.31 10.60 -19.54
C SER C 146 14.49 11.86 -19.58
N TRP C 147 15.14 13.02 -19.55
CA TRP C 147 14.43 14.27 -19.50
C TRP C 147 13.62 14.51 -20.76
N ASP C 148 13.80 13.89 -21.91
CA ASP C 148 12.86 14.16 -22.97
C ASP C 148 12.34 12.87 -23.56
N ASP C 149 12.04 11.82 -22.80
CA ASP C 149 11.47 10.65 -23.42
C ASP C 149 9.97 10.85 -23.65
N TYR C 150 9.22 9.86 -24.15
CA TYR C 150 7.82 10.05 -24.49
C TYR C 150 6.92 10.35 -23.30
N THR C 151 7.24 10.02 -22.04
CA THR C 151 6.29 10.24 -20.97
C THR C 151 5.97 11.70 -20.79
N TRP C 152 6.89 12.58 -21.17
CA TRP C 152 6.69 14.00 -21.02
C TRP C 152 5.62 14.54 -21.97
N GLN C 153 5.12 13.74 -22.91
CA GLN C 153 4.02 14.14 -23.77
C GLN C 153 2.76 14.44 -22.97
N THR C 154 2.68 13.89 -21.75
CA THR C 154 1.66 14.15 -20.75
C THR C 154 0.24 14.15 -21.27
N SER C 155 -0.18 13.21 -22.13
CA SER C 155 -1.52 13.29 -22.67
C SER C 155 -2.60 13.14 -21.61
N SER C 156 -2.34 12.40 -20.52
CA SER C 156 -3.37 12.23 -19.54
C SER C 156 -2.94 12.68 -18.16
N ASN C 157 -1.67 12.56 -17.80
CA ASN C 157 -1.20 13.07 -16.52
C ASN C 157 -1.35 14.58 -16.58
N PRO C 158 -1.66 15.33 -15.51
CA PRO C 158 -1.65 16.77 -15.53
C PRO C 158 -0.23 17.30 -15.42
N SER C 159 0.15 18.31 -16.20
CA SER C 159 1.43 19.00 -16.04
C SER C 159 1.22 20.49 -15.86
N ILE C 160 2.13 21.18 -15.16
CA ILE C 160 2.21 22.63 -15.09
C ILE C 160 3.43 23.02 -15.92
N PHE C 161 3.35 23.96 -16.85
CA PHE C 161 4.52 24.52 -17.52
C PHE C 161 4.64 25.90 -16.87
N TYR C 162 5.71 26.13 -16.10
CA TYR C 162 5.96 27.35 -15.36
C TYR C 162 7.05 28.15 -16.07
N THR C 163 6.92 29.46 -16.31
CA THR C 163 7.93 30.29 -16.92
C THR C 163 8.73 31.04 -15.85
N TYR C 164 10.07 30.96 -15.83
CA TYR C 164 10.88 31.59 -14.79
C TYR C 164 10.56 33.06 -14.67
N GLY C 165 10.46 33.53 -13.42
CA GLY C 165 10.17 34.92 -13.18
C GLY C 165 8.68 35.22 -13.08
N ALA C 166 7.77 34.31 -13.46
CA ALA C 166 6.34 34.56 -13.33
C ALA C 166 5.95 34.36 -11.87
N ALA C 167 4.77 34.81 -11.46
CA ALA C 167 4.27 34.62 -10.11
C ALA C 167 4.35 33.14 -9.74
N PRO C 168 4.64 32.68 -8.53
CA PRO C 168 4.65 31.25 -8.19
C PRO C 168 3.44 30.50 -8.76
N ALA C 169 3.61 29.31 -9.35
CA ALA C 169 2.49 28.53 -9.90
C ALA C 169 1.62 28.00 -8.77
N ARG C 170 0.35 27.71 -9.01
CA ARG C 170 -0.55 27.26 -7.95
C ARG C 170 -1.69 26.46 -8.56
N ILE C 171 -2.00 25.32 -7.94
CA ILE C 171 -3.10 24.47 -8.36
C ILE C 171 -3.78 23.91 -7.10
N SER C 172 -5.01 23.42 -7.20
CA SER C 172 -5.71 22.76 -6.11
C SER C 172 -5.99 21.34 -6.55
N VAL C 173 -6.12 20.44 -5.58
CA VAL C 173 -6.35 19.03 -5.80
C VAL C 173 -7.50 18.65 -4.87
N PRO C 174 -8.44 17.77 -5.25
CA PRO C 174 -9.54 17.39 -4.37
C PRO C 174 -9.13 16.41 -3.29
N TYR C 175 -10.04 15.94 -2.42
CA TYR C 175 -9.72 14.88 -1.45
C TYR C 175 -9.57 13.62 -2.31
N VAL C 176 -8.37 13.05 -2.43
CA VAL C 176 -8.14 11.94 -3.36
C VAL C 176 -7.90 10.61 -2.67
N GLY C 177 -8.27 10.53 -1.40
CA GLY C 177 -7.97 9.34 -0.61
C GLY C 177 -8.80 8.16 -1.07
N LEU C 178 -8.28 6.96 -0.80
CA LEU C 178 -8.97 5.73 -1.16
C LEU C 178 -9.97 5.39 -0.08
N ALA C 179 -9.83 5.95 1.11
CA ALA C 179 -10.74 5.70 2.20
C ALA C 179 -11.59 6.94 2.42
N ASN C 180 -12.43 6.98 3.45
CA ASN C 180 -13.30 8.12 3.66
C ASN C 180 -12.58 9.26 4.37
N ALA C 181 -11.36 9.06 4.85
CA ALA C 181 -10.52 10.08 5.45
C ALA C 181 -9.07 9.62 5.21
N TYR C 182 -8.09 10.50 5.26
CA TYR C 182 -6.67 10.18 5.17
C TYR C 182 -6.27 9.62 6.53
N SER C 183 -5.42 8.58 6.63
CA SER C 183 -4.99 8.09 7.93
C SER C 183 -3.60 8.62 8.18
N HIS C 184 -3.47 9.39 9.26
CA HIS C 184 -2.18 9.92 9.62
C HIS C 184 -1.43 8.83 10.36
N PHE C 185 -2.12 7.81 10.88
CA PHE C 185 -1.51 6.74 11.64
C PHE C 185 -2.22 5.48 11.20
N TYR C 186 -1.51 4.40 10.89
CA TYR C 186 -2.14 3.15 10.50
C TYR C 186 -1.46 2.06 11.30
N ASP C 187 -2.11 1.55 12.33
CA ASP C 187 -1.54 0.48 13.12
C ASP C 187 -1.74 -0.86 12.42
N GLY C 188 -0.95 -1.16 11.40
CA GLY C 188 -1.13 -2.43 10.72
C GLY C 188 -0.11 -2.61 9.61
N PHE C 189 -0.40 -3.60 8.77
CA PHE C 189 0.49 -4.05 7.71
C PHE C 189 -0.28 -4.13 6.41
N ALA C 190 0.41 -4.14 5.28
CA ALA C 190 -0.24 -4.32 4.00
C ALA C 190 -0.25 -5.80 3.67
N LYS C 191 0.57 -6.66 4.30
CA LYS C 191 0.55 -8.09 4.05
C LYS C 191 0.58 -8.84 5.35
N VAL C 192 0.16 -10.11 5.35
CA VAL C 192 0.14 -10.99 6.52
C VAL C 192 0.93 -12.24 6.11
N PRO C 193 1.92 -12.71 6.85
CA PRO C 193 2.55 -13.99 6.57
C PRO C 193 1.62 -15.14 6.93
N LEU C 194 1.41 -16.08 6.02
CA LEU C 194 0.56 -17.22 6.29
C LEU C 194 1.42 -18.45 6.52
N LYS C 195 0.92 -19.41 7.26
CA LYS C 195 1.63 -20.65 7.49
C LYS C 195 2.02 -21.43 6.26
N THR C 196 1.26 -21.33 5.18
CA THR C 196 1.52 -22.05 3.97
C THR C 196 2.41 -21.29 3.01
N ASP C 197 2.95 -20.14 3.40
CA ASP C 197 3.80 -19.39 2.49
C ASP C 197 5.08 -20.14 2.30
N ALA C 198 5.56 -20.05 1.06
CA ALA C 198 6.79 -20.70 0.68
C ALA C 198 8.03 -20.23 1.45
N ASN C 199 8.10 -18.95 1.81
CA ASN C 199 9.23 -18.41 2.57
C ASN C 199 8.69 -17.21 3.31
N ASP C 200 9.50 -16.67 4.17
CA ASP C 200 9.12 -15.53 4.96
C ASP C 200 9.07 -14.19 4.26
N GLN C 201 9.68 -14.07 3.10
CA GLN C 201 9.66 -12.82 2.38
C GLN C 201 8.30 -12.51 1.84
N ILE C 202 7.58 -13.54 1.41
CA ILE C 202 6.28 -13.36 0.81
C ILE C 202 5.33 -12.55 1.67
N GLY C 203 5.18 -12.80 2.95
CA GLY C 203 4.21 -12.03 3.69
C GLY C 203 4.85 -10.91 4.46
N ASP C 204 6.06 -10.46 4.16
CA ASP C 204 6.67 -9.44 4.96
C ASP C 204 6.35 -8.08 4.41
N SER C 205 6.01 -7.11 5.26
CA SER C 205 5.77 -5.75 4.83
C SER C 205 6.16 -4.85 5.99
N LEU C 206 6.35 -3.57 5.71
CA LEU C 206 6.73 -2.57 6.70
C LEU C 206 5.60 -2.24 7.65
N TYR C 207 5.91 -2.15 8.93
CA TYR C 207 4.92 -1.79 9.90
C TYR C 207 4.44 -0.37 9.69
N SER C 208 3.12 -0.24 9.67
CA SER C 208 2.37 1.00 9.58
C SER C 208 2.38 1.66 8.21
N ALA C 209 2.85 0.98 7.17
CA ALA C 209 2.80 1.52 5.83
C ALA C 209 1.58 0.91 5.19
N MET C 210 0.98 1.61 4.22
CA MET C 210 -0.21 1.15 3.56
C MET C 210 0.13 0.77 2.13
N THR C 211 -0.11 1.62 1.14
CA THR C 211 0.19 1.30 -0.24
C THR C 211 1.68 1.57 -0.40
N VAL C 212 2.24 1.08 -1.49
CA VAL C 212 3.64 1.25 -1.78
C VAL C 212 3.92 2.63 -2.36
N ASP C 213 3.15 3.02 -3.38
CA ASP C 213 3.45 4.24 -4.10
C ASP C 213 2.75 5.47 -3.61
N ASP C 214 1.87 5.26 -2.62
CA ASP C 214 1.03 6.28 -2.02
C ASP C 214 0.30 7.22 -2.95
N PHE C 215 0.78 8.44 -3.21
CA PHE C 215 0.13 9.38 -4.07
C PHE C 215 0.90 9.53 -5.36
N GLY C 216 1.98 8.82 -5.62
CA GLY C 216 2.70 9.03 -6.84
C GLY C 216 3.80 10.05 -6.66
N VAL C 217 4.33 10.48 -7.80
CA VAL C 217 5.46 11.38 -7.80
C VAL C 217 5.25 12.59 -8.66
N LEU C 218 5.98 13.67 -8.37
CA LEU C 218 6.07 14.83 -9.26
C LEU C 218 7.40 14.67 -10.01
N ALA C 219 7.40 14.72 -11.35
CA ALA C 219 8.62 14.65 -12.14
C ALA C 219 8.83 16.05 -12.64
N VAL C 220 9.99 16.67 -12.41
CA VAL C 220 10.26 18.05 -12.80
C VAL C 220 11.40 18.06 -13.82
N ARG C 221 11.35 18.85 -14.89
CA ARG C 221 12.46 19.00 -15.81
C ARG C 221 12.50 20.44 -16.30
N VAL C 222 13.62 20.90 -16.86
CA VAL C 222 13.68 22.19 -17.52
C VAL C 222 13.34 21.81 -18.96
N VAL C 223 12.39 22.45 -19.65
CA VAL C 223 12.01 22.07 -21.01
C VAL C 223 13.05 22.52 -22.01
N ASN C 224 13.76 23.64 -21.76
CA ASN C 224 14.77 24.16 -22.65
C ASN C 224 15.90 23.19 -22.92
N ASP C 225 16.51 23.23 -24.09
CA ASP C 225 17.72 22.48 -24.32
C ASP C 225 18.81 23.25 -23.58
N HIS C 226 19.92 22.61 -23.34
CA HIS C 226 20.97 23.27 -22.59
C HIS C 226 21.66 24.44 -23.28
N ASN C 227 22.09 25.39 -22.46
CA ASN C 227 22.92 26.48 -22.90
C ASN C 227 24.35 25.98 -22.72
N PRO C 228 25.37 26.71 -23.18
CA PRO C 228 26.76 26.38 -22.87
C PRO C 228 27.05 26.49 -21.37
N THR C 229 26.57 27.49 -20.62
CA THR C 229 26.77 27.54 -19.19
C THR C 229 25.68 26.70 -18.52
N LYS C 230 26.00 26.09 -17.41
CA LYS C 230 25.07 25.29 -16.64
C LYS C 230 24.20 26.18 -15.75
N VAL C 231 22.92 25.86 -15.56
CA VAL C 231 22.01 26.63 -14.72
C VAL C 231 21.39 25.61 -13.78
N THR C 232 21.44 25.86 -12.47
CA THR C 232 20.82 25.01 -11.47
C THR C 232 19.57 25.70 -10.93
N SER C 233 18.49 24.95 -10.76
CA SER C 233 17.28 25.49 -10.20
C SER C 233 16.81 24.64 -9.05
N LYS C 234 16.02 25.25 -8.17
CA LYS C 234 15.35 24.55 -7.11
C LYS C 234 13.87 24.88 -7.16
N VAL C 235 13.01 23.90 -7.02
CA VAL C 235 11.58 24.11 -6.96
C VAL C 235 11.21 23.86 -5.51
N ARG C 236 10.62 24.82 -4.79
CA ARG C 236 10.19 24.64 -3.41
C ARG C 236 8.69 24.49 -3.48
N ILE C 237 8.13 23.49 -2.82
CA ILE C 237 6.71 23.20 -2.89
C ILE C 237 6.06 23.53 -1.57
N TYR C 238 4.98 24.31 -1.56
CA TYR C 238 4.29 24.70 -0.35
C TYR C 238 2.90 24.06 -0.38
N MET C 239 2.51 23.31 0.64
CA MET C 239 1.20 22.68 0.71
C MET C 239 0.31 23.45 1.67
N LYS C 240 -0.96 23.71 1.38
CA LYS C 240 -1.89 24.29 2.34
C LYS C 240 -3.14 23.43 2.29
N PRO C 241 -3.53 22.70 3.34
CA PRO C 241 -4.80 22.01 3.45
C PRO C 241 -5.95 23.00 3.40
N LYS C 242 -7.00 22.89 2.59
CA LYS C 242 -8.13 23.78 2.73
C LYS C 242 -9.40 22.98 2.77
N HIS C 243 -10.45 23.49 3.42
CA HIS C 243 -11.75 22.82 3.60
C HIS C 243 -11.51 21.55 4.43
N VAL C 244 -10.96 21.82 5.61
CA VAL C 244 -10.38 20.83 6.50
C VAL C 244 -11.34 20.29 7.56
N ARG C 245 -11.41 18.97 7.73
CA ARG C 245 -12.10 18.32 8.83
C ARG C 245 -11.09 17.36 9.45
N VAL C 246 -11.03 17.19 10.76
CA VAL C 246 -10.07 16.31 11.41
C VAL C 246 -10.73 15.52 12.53
N TRP C 247 -10.26 14.31 12.84
CA TRP C 247 -10.88 13.43 13.84
C TRP C 247 -9.81 12.82 14.73
N CYS C 248 -10.19 12.59 15.99
CA CYS C 248 -9.44 11.88 17.03
C CYS C 248 -8.10 12.49 17.40
N PRO C 249 -8.10 13.46 18.33
CA PRO C 249 -6.89 14.15 18.70
C PRO C 249 -5.86 13.25 19.37
N ARG C 250 -4.58 13.61 19.22
CA ARG C 250 -3.46 12.81 19.69
C ARG C 250 -2.49 13.71 20.45
N PRO C 251 -1.68 13.29 21.43
CA PRO C 251 -0.54 14.05 21.92
C PRO C 251 0.35 14.48 20.75
N PRO C 252 0.88 15.71 20.66
CA PRO C 252 1.84 16.08 19.63
C PRO C 252 3.23 15.42 19.80
N ARG C 253 3.97 15.24 18.69
CA ARG C 253 5.32 14.68 18.70
C ARG C 253 6.21 15.46 19.68
N ALA C 254 6.83 14.78 20.64
CA ALA C 254 7.65 15.42 21.63
C ALA C 254 9.14 15.18 21.51
N VAL C 255 9.60 14.22 20.70
CA VAL C 255 11.03 13.96 20.53
C VAL C 255 11.27 13.97 19.03
N PRO C 256 12.48 14.17 18.49
CA PRO C 256 12.68 14.28 17.06
C PRO C 256 12.11 13.10 16.25
N TYR C 257 11.61 13.42 15.06
CA TYR C 257 11.11 12.42 14.13
C TYR C 257 12.31 11.58 13.67
N TYR C 258 12.12 10.28 13.41
CA TYR C 258 13.12 9.39 12.91
C TYR C 258 12.41 8.53 11.86
N GLY C 259 12.21 9.11 10.70
CA GLY C 259 11.63 8.40 9.59
C GLY C 259 10.14 8.65 9.44
N PRO C 260 9.48 7.97 8.48
CA PRO C 260 8.08 8.17 8.22
C PRO C 260 7.17 7.45 9.19
N GLY C 261 7.66 6.64 10.15
CA GLY C 261 6.80 6.00 11.10
C GLY C 261 6.91 6.76 12.39
N VAL C 262 6.57 6.12 13.51
CA VAL C 262 6.61 6.82 14.79
C VAL C 262 7.90 6.56 15.55
N ASP C 263 8.88 5.94 14.89
CA ASP C 263 10.12 5.52 15.55
C ASP C 263 10.88 6.68 16.11
N TYR C 264 11.62 6.42 17.15
CA TYR C 264 12.45 7.42 17.75
C TYR C 264 13.84 6.81 17.90
N ARG C 265 14.78 7.70 18.13
CA ARG C 265 16.14 7.29 18.26
C ARG C 265 16.89 8.17 19.23
N ASN C 266 17.08 9.45 18.96
CA ASN C 266 17.79 10.30 19.89
C ASN C 266 17.01 11.49 20.35
N ASN C 267 17.59 12.15 21.35
CA ASN C 267 17.05 13.31 22.02
C ASN C 267 15.73 12.97 22.63
N LEU C 268 15.77 11.90 23.41
CA LEU C 268 14.56 11.38 24.02
C LEU C 268 14.33 12.05 25.35
N ASP C 269 14.89 13.23 25.56
CA ASP C 269 14.81 13.91 26.82
C ASP C 269 14.26 15.33 26.65
N PRO C 270 13.01 15.52 26.22
CA PRO C 270 12.49 16.83 25.87
C PRO C 270 12.42 17.82 27.03
N LEU C 271 12.25 17.41 28.29
CA LEU C 271 12.03 18.34 29.39
C LEU C 271 13.28 18.80 30.07
N SER C 272 13.37 20.08 30.41
CA SER C 272 14.52 20.58 31.10
C SER C 272 14.40 20.50 32.60
N GLU C 273 15.44 20.89 33.29
CA GLU C 273 15.51 20.75 34.70
C GLU C 273 14.95 21.96 35.39
N LYS C 274 14.21 21.77 36.47
CA LYS C 274 13.62 22.88 37.20
C LYS C 274 13.33 22.37 38.60
N GLY C 275 13.66 23.09 39.67
CA GLY C 275 13.42 22.59 41.00
C GLY C 275 11.95 22.51 41.30
N LEU C 276 11.52 21.50 42.02
CA LEU C 276 10.13 21.32 42.42
C LEU C 276 9.52 22.54 43.11
N THR C 277 10.31 23.26 43.89
CA THR C 277 9.78 24.43 44.53
C THR C 277 10.43 25.70 43.98
N THR C 278 10.84 25.77 42.71
CA THR C 278 11.40 26.99 42.17
C THR C 278 10.38 27.58 41.21
N TYR C 279 10.03 28.84 41.40
CA TYR C 279 9.13 29.53 40.49
C TYR C 279 9.77 29.71 39.12
N ALA D 1 -32.39 6.92 47.84
CA ALA D 1 -33.47 6.21 48.53
C ALA D 1 -33.29 4.71 48.26
N CYS D 2 -33.84 4.01 47.22
CA CYS D 2 -33.55 2.57 46.96
C CYS D 2 -32.05 2.23 46.71
N GLY D 3 -31.22 3.20 46.22
CA GLY D 3 -29.76 3.03 46.32
C GLY D 3 -28.86 2.89 45.09
N TYR D 4 -29.24 3.33 43.88
CA TYR D 4 -28.36 3.19 42.71
C TYR D 4 -27.13 4.12 42.79
N SER D 5 -25.95 3.64 42.45
CA SER D 5 -24.74 4.39 42.60
C SER D 5 -23.92 4.30 41.34
N ASP D 6 -23.11 5.29 40.98
CA ASP D 6 -22.32 5.13 39.77
C ASP D 6 -21.05 4.31 40.09
N ARG D 7 -20.97 3.79 41.31
CA ARG D 7 -19.92 2.89 41.73
C ARG D 7 -20.31 1.43 41.60
N VAL D 8 -21.58 1.09 41.42
CA VAL D 8 -22.00 -0.31 41.38
C VAL D 8 -22.69 -0.52 40.04
N LEU D 9 -22.17 -1.44 39.21
CA LEU D 9 -22.67 -1.67 37.86
C LEU D 9 -22.81 -3.14 37.54
N GLN D 10 -23.71 -3.52 36.65
CA GLN D 10 -23.76 -4.87 36.14
C GLN D 10 -23.69 -4.72 34.62
N LEU D 11 -22.86 -5.49 33.92
CA LEU D 11 -22.78 -5.43 32.46
C LEU D 11 -23.19 -6.82 32.01
N THR D 12 -24.14 -7.04 31.10
CA THR D 12 -24.51 -8.36 30.63
C THR D 12 -24.43 -8.33 29.12
N LEU D 13 -23.72 -9.27 28.50
CA LEU D 13 -23.61 -9.36 27.06
C LEU D 13 -23.59 -10.84 26.76
N GLY D 14 -24.53 -11.32 25.95
CA GLY D 14 -24.57 -12.73 25.61
C GLY D 14 -24.81 -13.53 26.86
N ASN D 15 -24.00 -14.53 27.12
CA ASN D 15 -24.18 -15.34 28.31
C ASN D 15 -23.24 -14.95 29.44
N SER D 16 -22.69 -13.74 29.47
CA SER D 16 -21.73 -13.34 30.48
C SER D 16 -22.14 -12.09 31.23
N THR D 17 -21.99 -12.01 32.55
CA THR D 17 -22.32 -10.82 33.34
C THR D 17 -21.12 -10.45 34.18
N ILE D 18 -20.86 -9.16 34.35
CA ILE D 18 -19.78 -8.64 35.19
C ILE D 18 -20.45 -7.78 36.24
N THR D 19 -20.03 -7.86 37.50
CA THR D 19 -20.52 -6.94 38.51
C THR D 19 -19.29 -6.20 39.04
N THR D 20 -19.44 -4.97 39.50
CA THR D 20 -18.36 -4.30 40.22
C THR D 20 -19.10 -3.46 41.25
N GLN D 21 -18.50 -3.34 42.43
CA GLN D 21 -19.09 -2.55 43.48
C GLN D 21 -18.21 -1.34 43.73
N GLU D 22 -17.15 -1.09 42.96
CA GLU D 22 -16.28 0.05 43.16
C GLU D 22 -15.77 0.56 41.83
N ALA D 23 -16.71 0.96 40.98
CA ALA D 23 -16.44 1.56 39.69
C ALA D 23 -16.29 3.07 39.86
N ALA D 24 -15.85 3.78 38.84
CA ALA D 24 -15.86 5.24 38.84
C ALA D 24 -16.66 5.65 37.60
N ASN D 25 -17.97 5.33 37.55
CA ASN D 25 -18.84 5.60 36.40
C ASN D 25 -18.32 4.81 35.18
N SER D 26 -18.59 5.10 33.90
CA SER D 26 -17.97 4.37 32.81
C SER D 26 -17.84 5.32 31.64
N VAL D 27 -16.87 5.12 30.74
CA VAL D 27 -16.64 6.03 29.65
C VAL D 27 -17.20 5.45 28.37
N VAL D 28 -17.82 6.22 27.52
CA VAL D 28 -18.26 5.78 26.21
C VAL D 28 -17.35 6.62 25.33
N ALA D 29 -16.33 6.04 24.70
CA ALA D 29 -15.33 6.80 23.95
C ALA D 29 -15.92 7.73 22.91
N TYR D 30 -15.49 9.00 22.94
CA TYR D 30 -15.91 10.03 21.98
C TYR D 30 -17.42 10.19 21.96
N GLY D 31 -18.08 9.76 23.05
CA GLY D 31 -19.50 9.83 23.17
C GLY D 31 -20.19 8.92 22.18
N ARG D 32 -19.58 7.91 21.57
CA ARG D 32 -20.27 7.11 20.57
C ARG D 32 -20.37 5.68 20.98
N TRP D 33 -21.59 5.20 21.08
CA TRP D 33 -21.87 3.82 21.39
C TRP D 33 -21.67 3.04 20.10
N PRO D 34 -21.25 1.76 20.09
CA PRO D 34 -21.05 1.04 18.84
C PRO D 34 -22.30 0.86 18.02
N GLU D 35 -22.20 0.65 16.72
CA GLU D 35 -23.38 0.44 15.88
C GLU D 35 -22.97 -0.30 14.62
N PHE D 36 -23.93 -0.87 13.91
CA PHE D 36 -23.68 -1.56 12.66
C PHE D 36 -23.58 -0.55 11.53
N ILE D 37 -23.03 -1.00 10.42
CA ILE D 37 -22.87 -0.19 9.23
C ILE D 37 -24.26 0.04 8.70
N ARG D 38 -24.52 1.30 8.43
CA ARG D 38 -25.76 1.73 7.84
C ARG D 38 -25.63 1.58 6.36
N ASP D 39 -26.75 1.37 5.70
CA ASP D 39 -26.79 1.21 4.26
C ASP D 39 -26.18 2.33 3.47
N ASP D 40 -26.23 3.52 4.04
CA ASP D 40 -25.68 4.63 3.32
C ASP D 40 -24.24 4.88 3.63
N GLU D 41 -23.67 4.04 4.48
CA GLU D 41 -22.25 4.06 4.72
C GLU D 41 -21.65 2.72 4.30
N ALA D 42 -22.44 1.83 3.70
CA ALA D 42 -22.00 0.49 3.39
C ALA D 42 -21.07 0.52 2.21
N ASN D 43 -20.12 -0.44 2.17
CA ASN D 43 -19.24 -0.59 1.02
C ASN D 43 -19.17 -2.02 0.48
N PRO D 44 -18.68 -3.15 1.06
CA PRO D 44 -18.83 -4.47 0.46
C PRO D 44 -20.30 -4.76 0.23
N VAL D 45 -20.71 -5.38 -0.87
CA VAL D 45 -22.11 -5.59 -1.17
C VAL D 45 -22.68 -6.92 -0.72
N ASP D 46 -21.87 -7.91 -0.32
CA ASP D 46 -22.41 -9.18 0.11
C ASP D 46 -23.12 -9.05 1.44
N GLN D 47 -24.11 -9.87 1.72
CA GLN D 47 -24.82 -9.89 3.00
C GLN D 47 -23.85 -10.22 4.12
N PRO D 48 -23.67 -9.42 5.18
CA PRO D 48 -22.80 -9.69 6.31
C PRO D 48 -23.30 -10.79 7.23
N THR D 49 -22.42 -11.44 7.99
CA THR D 49 -22.86 -12.32 9.06
C THR D 49 -22.83 -11.46 10.29
N GLU D 50 -23.75 -11.67 11.22
CA GLU D 50 -23.73 -10.95 12.47
C GLU D 50 -23.90 -12.03 13.50
N PRO D 51 -22.86 -12.67 14.05
CA PRO D 51 -23.00 -13.79 14.97
C PRO D 51 -23.71 -13.39 16.27
N ASP D 52 -23.79 -12.10 16.60
CA ASP D 52 -24.51 -11.62 17.75
C ASP D 52 -24.04 -12.25 19.06
N VAL D 53 -24.83 -12.98 19.86
CA VAL D 53 -24.43 -13.48 21.16
C VAL D 53 -23.28 -14.46 21.11
N ALA D 54 -22.97 -15.09 19.98
CA ALA D 54 -21.90 -16.07 19.93
C ALA D 54 -20.54 -15.39 20.01
N THR D 55 -20.43 -14.13 19.57
CA THR D 55 -19.18 -13.41 19.58
C THR D 55 -19.21 -12.18 20.46
N CYS D 56 -20.38 -11.63 20.77
CA CYS D 56 -20.46 -10.40 21.56
C CYS D 56 -20.78 -10.77 22.98
N ARG D 57 -19.71 -11.09 23.69
CA ARG D 57 -19.78 -11.63 25.03
C ARG D 57 -18.44 -11.35 25.67
N PHE D 58 -18.28 -11.45 26.98
CA PHE D 58 -17.01 -11.14 27.61
C PHE D 58 -16.01 -12.28 27.60
N TYR D 59 -14.81 -12.00 27.06
CA TYR D 59 -13.70 -12.94 27.05
C TYR D 59 -12.66 -12.42 28.03
N THR D 60 -12.19 -13.21 29.01
CA THR D 60 -11.17 -12.78 29.97
C THR D 60 -9.82 -13.28 29.51
N LEU D 61 -8.85 -12.36 29.39
CA LEU D 61 -7.51 -12.67 28.95
C LEU D 61 -6.73 -13.19 30.15
N ASP D 62 -5.53 -13.72 29.97
CA ASP D 62 -4.71 -14.16 31.09
C ASP D 62 -4.35 -13.01 32.01
N THR D 63 -4.42 -13.20 33.32
CA THR D 63 -4.10 -12.17 34.31
C THR D 63 -2.63 -11.77 34.25
N VAL D 64 -2.24 -10.51 34.49
CA VAL D 64 -0.85 -10.12 34.56
C VAL D 64 -0.66 -9.67 36.00
N MET D 65 0.56 -9.60 36.55
CA MET D 65 0.76 -9.20 37.92
C MET D 65 1.40 -7.83 37.96
N TRP D 66 0.92 -6.97 38.83
CA TRP D 66 1.45 -5.63 38.99
C TRP D 66 2.36 -5.71 40.20
N GLY D 67 3.63 -5.45 40.02
CA GLY D 67 4.57 -5.39 41.12
C GLY D 67 5.19 -4.01 41.12
N LYS D 68 6.01 -3.73 42.12
CA LYS D 68 6.66 -2.44 42.29
C LYS D 68 7.54 -2.01 41.13
N GLU D 69 8.11 -2.92 40.35
CA GLU D 69 8.93 -2.53 39.23
C GLU D 69 8.22 -2.67 37.89
N SER D 70 6.89 -2.84 37.82
CA SER D 70 6.18 -2.98 36.54
C SER D 70 6.14 -1.64 35.82
N LYS D 71 6.38 -1.66 34.51
CA LYS D 71 6.37 -0.44 33.76
C LYS D 71 5.12 -0.27 32.95
N GLY D 72 4.34 -1.31 32.71
CA GLY D 72 3.12 -1.15 31.97
C GLY D 72 2.90 -2.27 30.98
N TRP D 73 1.68 -2.32 30.44
CA TRP D 73 1.24 -3.41 29.57
C TRP D 73 0.49 -2.81 28.41
N TRP D 74 0.47 -3.44 27.22
CA TRP D 74 -0.35 -2.93 26.14
C TRP D 74 -0.93 -4.11 25.38
N TRP D 75 -2.12 -4.00 24.77
CA TRP D 75 -2.73 -5.03 23.95
C TRP D 75 -3.28 -4.28 22.75
N LYS D 76 -3.53 -4.94 21.63
CA LYS D 76 -4.14 -4.29 20.50
C LYS D 76 -5.43 -5.03 20.26
N LEU D 77 -6.46 -4.38 19.68
CA LEU D 77 -7.74 -4.99 19.34
C LEU D 77 -7.94 -4.84 17.84
N PRO D 78 -8.43 -5.84 17.07
CA PRO D 78 -8.89 -7.15 17.55
C PRO D 78 -7.87 -8.21 17.92
N ASP D 79 -6.57 -7.98 17.77
CA ASP D 79 -5.55 -8.97 18.05
C ASP D 79 -5.64 -9.72 19.37
N ALA D 80 -5.89 -9.05 20.50
CA ALA D 80 -5.95 -9.74 21.78
C ALA D 80 -7.06 -10.79 21.83
N LEU D 81 -8.04 -10.72 20.92
CA LEU D 81 -9.16 -11.64 20.90
C LEU D 81 -9.09 -12.59 19.73
N ARG D 82 -8.00 -12.64 18.96
CA ARG D 82 -7.95 -13.46 17.77
C ARG D 82 -8.16 -14.94 17.98
N ASP D 83 -7.92 -15.43 19.19
CA ASP D 83 -8.11 -16.83 19.49
C ASP D 83 -9.27 -17.08 20.43
N MET D 84 -10.17 -16.11 20.58
CA MET D 84 -11.27 -16.22 21.50
C MET D 84 -12.52 -16.79 20.85
N GLY D 85 -12.81 -18.06 21.14
CA GLY D 85 -14.05 -18.72 20.73
C GLY D 85 -14.47 -18.46 19.31
N LEU D 86 -15.74 -18.15 19.11
CA LEU D 86 -16.23 -17.92 17.77
C LEU D 86 -15.91 -16.50 17.29
N PHE D 87 -15.43 -15.56 18.11
CA PHE D 87 -15.00 -14.28 17.60
C PHE D 87 -13.76 -14.57 16.74
N GLY D 88 -12.77 -15.31 17.21
CA GLY D 88 -11.57 -15.60 16.43
C GLY D 88 -11.88 -16.33 15.12
N GLN D 89 -12.80 -17.31 15.14
CA GLN D 89 -13.16 -18.05 13.94
C GLN D 89 -13.77 -17.17 12.87
N ASN D 90 -14.71 -16.30 13.25
CA ASN D 90 -15.32 -15.39 12.31
C ASN D 90 -14.30 -14.41 11.77
N MET D 91 -13.40 -13.92 12.63
CA MET D 91 -12.32 -13.03 12.22
C MET D 91 -11.45 -13.67 11.16
N TYR D 92 -11.07 -14.93 11.31
CA TYR D 92 -10.19 -15.51 10.34
C TYR D 92 -10.88 -16.07 9.12
N TYR D 93 -12.16 -16.42 9.16
CA TYR D 93 -12.85 -16.91 7.98
C TYR D 93 -13.29 -15.82 7.05
N HIS D 94 -13.24 -14.55 7.43
CA HIS D 94 -13.77 -13.49 6.61
C HIS D 94 -12.67 -12.50 6.30
N TYR D 95 -12.66 -12.02 5.06
CA TYR D 95 -11.74 -10.99 4.66
C TYR D 95 -11.92 -9.74 5.51
N LEU D 96 -13.18 -9.30 5.77
CA LEU D 96 -13.46 -8.04 6.43
C LEU D 96 -14.19 -8.26 7.73
N GLY D 97 -13.96 -7.44 8.74
CA GLY D 97 -14.66 -7.58 10.00
C GLY D 97 -14.71 -6.23 10.70
N ARG D 98 -15.76 -5.96 11.47
CA ARG D 98 -15.93 -4.68 12.15
C ARG D 98 -16.47 -5.02 13.51
N SER D 99 -16.06 -4.30 14.56
CA SER D 99 -16.51 -4.56 15.91
C SER D 99 -16.17 -3.36 16.79
N GLY D 100 -17.07 -3.06 17.73
CA GLY D 100 -16.81 -2.15 18.81
C GLY D 100 -16.50 -3.04 20.01
N TYR D 101 -16.23 -2.55 21.23
CA TYR D 101 -15.84 -3.39 22.37
C TYR D 101 -16.28 -2.80 23.71
N THR D 102 -16.58 -3.55 24.77
CA THR D 102 -16.63 -3.01 26.13
C THR D 102 -15.34 -3.56 26.76
N VAL D 103 -14.46 -2.73 27.32
CA VAL D 103 -13.24 -3.16 27.98
C VAL D 103 -13.46 -3.02 29.49
N HIS D 104 -13.25 -4.04 30.30
CA HIS D 104 -13.41 -3.92 31.73
C HIS D 104 -12.08 -4.36 32.34
N VAL D 105 -11.33 -3.46 33.00
CA VAL D 105 -10.05 -3.78 33.61
C VAL D 105 -10.30 -3.92 35.10
N GLN D 106 -9.83 -5.00 35.72
CA GLN D 106 -10.10 -5.36 37.10
C GLN D 106 -8.84 -5.34 37.95
N CYS D 107 -8.79 -4.62 39.06
CA CYS D 107 -7.65 -4.64 39.93
C CYS D 107 -8.11 -4.29 41.34
N ASN D 108 -8.30 -5.23 42.27
CA ASN D 108 -8.67 -4.90 43.64
C ASN D 108 -7.43 -5.06 44.51
N ALA D 109 -7.40 -4.39 45.67
CA ALA D 109 -6.27 -4.38 46.57
C ALA D 109 -6.85 -4.24 47.97
N SER D 110 -6.58 -3.22 48.78
CA SER D 110 -7.20 -3.10 50.09
C SER D 110 -7.10 -1.63 50.43
N LYS D 111 -7.66 -1.26 51.58
CA LYS D 111 -7.63 0.13 52.01
C LYS D 111 -6.30 0.60 52.51
N PHE D 112 -5.32 -0.30 52.56
CA PHE D 112 -3.97 0.02 53.03
C PHE D 112 -2.96 -0.11 51.90
N HIS D 113 -3.42 -0.41 50.67
CA HIS D 113 -2.54 -0.45 49.52
C HIS D 113 -2.70 0.87 48.80
N GLN D 114 -1.76 1.31 47.95
CA GLN D 114 -1.95 2.52 47.18
C GLN D 114 -1.30 2.37 45.84
N GLY D 115 -1.69 3.16 44.86
CA GLY D 115 -1.18 3.05 43.52
C GLY D 115 -2.28 3.51 42.57
N ALA D 116 -1.95 3.88 41.33
CA ALA D 116 -2.93 4.34 40.38
C ALA D 116 -2.49 3.86 39.02
N LEU D 117 -3.36 3.15 38.31
CA LEU D 117 -3.15 2.71 36.95
C LEU D 117 -3.86 3.64 35.95
N GLY D 118 -3.25 4.10 34.88
CA GLY D 118 -3.92 4.85 33.84
C GLY D 118 -4.32 3.84 32.78
N VAL D 119 -5.61 3.77 32.38
CA VAL D 119 -6.09 2.83 31.36
C VAL D 119 -6.49 3.70 30.17
N PHE D 120 -5.78 3.65 29.02
CA PHE D 120 -6.01 4.52 27.87
C PHE D 120 -6.42 3.69 26.67
N ALA D 121 -7.42 4.10 25.89
CA ALA D 121 -7.84 3.39 24.69
C ALA D 121 -7.44 4.31 23.54
N ILE D 122 -6.55 3.86 22.66
CA ILE D 122 -5.94 4.74 21.67
C ILE D 122 -6.28 4.29 20.26
N PRO D 123 -6.92 5.08 19.40
CA PRO D 123 -7.18 4.69 18.02
C PRO D 123 -5.85 4.69 17.28
N GLU D 124 -5.60 3.70 16.42
CA GLU D 124 -4.36 3.59 15.67
C GLU D 124 -3.12 3.74 16.53
N TYR D 125 -2.92 2.85 17.49
CA TYR D 125 -1.81 3.01 18.42
C TYR D 125 -0.52 2.50 17.78
N CYS D 126 0.14 3.30 16.94
CA CYS D 126 1.39 2.90 16.36
C CYS D 126 2.47 2.95 17.42
N LEU D 127 3.27 1.89 17.56
CA LEU D 127 4.35 1.83 18.53
C LEU D 127 5.72 1.92 17.87
N ALA D 128 6.75 2.38 18.57
CA ALA D 128 8.07 2.54 17.99
C ALA D 128 8.91 1.28 18.07
N GLY D 129 9.82 1.12 17.11
CA GLY D 129 10.63 -0.07 16.99
C GLY D 129 11.89 -0.04 17.85
N ASP D 130 12.63 -1.14 17.78
CA ASP D 130 13.85 -1.32 18.56
C ASP D 130 15.11 -1.05 17.80
N SER D 131 15.19 -0.47 16.61
CA SER D 131 16.48 -0.38 15.98
C SER D 131 16.60 0.85 15.12
N ASP D 132 17.72 0.94 14.44
CA ASP D 132 17.96 1.98 13.45
C ASP D 132 17.10 1.82 12.23
N LYS D 133 16.55 0.65 11.99
CA LYS D 133 15.76 0.46 10.79
C LYS D 133 14.36 0.93 11.09
N GLN D 134 13.76 1.71 10.20
CA GLN D 134 12.47 2.28 10.48
C GLN D 134 11.38 1.37 10.00
N ARG D 135 10.31 1.27 10.81
CA ARG D 135 9.08 0.56 10.45
C ARG D 135 9.33 -0.90 10.15
N TYR D 136 10.17 -1.45 11.00
CA TYR D 136 10.66 -2.76 10.76
C TYR D 136 10.13 -3.80 11.71
N THR D 137 9.27 -3.48 12.68
CA THR D 137 8.74 -4.53 13.55
C THR D 137 7.95 -5.51 12.70
N SER D 138 8.18 -6.78 12.91
CA SER D 138 7.51 -7.76 12.11
C SER D 138 6.07 -8.00 12.53
N TYR D 139 5.25 -8.58 11.65
CA TYR D 139 3.88 -8.90 11.95
C TYR D 139 3.76 -9.74 13.20
N ALA D 140 4.50 -10.84 13.38
CA ALA D 140 4.35 -11.65 14.57
C ALA D 140 4.71 -10.94 15.85
N ASN D 141 5.61 -9.96 15.81
CA ASN D 141 6.02 -9.25 17.01
C ASN D 141 5.14 -8.07 17.36
N ALA D 142 4.54 -7.49 16.33
CA ALA D 142 3.62 -6.38 16.53
C ALA D 142 2.31 -6.92 17.08
N ASN D 143 2.01 -8.22 16.93
CA ASN D 143 0.74 -8.79 17.31
C ASN D 143 0.93 -9.86 18.35
N PRO D 144 1.07 -9.55 19.64
CA PRO D 144 1.27 -10.54 20.68
C PRO D 144 0.03 -11.33 21.06
N GLY D 145 -1.16 -11.08 20.52
CA GLY D 145 -2.34 -11.79 20.98
C GLY D 145 -2.70 -11.41 22.41
N GLU D 146 -3.29 -12.33 23.16
CA GLU D 146 -3.75 -11.99 24.49
C GLU D 146 -2.70 -11.74 25.56
N ARG D 147 -1.50 -12.13 25.19
CA ARG D 147 -0.33 -11.97 26.01
C ARG D 147 0.03 -10.49 26.15
N GLY D 148 -0.21 -9.71 25.10
CA GLY D 148 0.10 -8.30 25.11
C GLY D 148 1.59 -8.07 25.14
N GLY D 149 2.01 -6.84 25.40
CA GLY D 149 3.41 -6.51 25.47
C GLY D 149 3.64 -5.70 26.70
N LYS D 150 4.83 -5.14 26.84
CA LYS D 150 5.21 -4.37 28.00
C LYS D 150 5.89 -3.08 27.59
N PHE D 151 6.00 -2.16 28.53
CA PHE D 151 6.70 -0.91 28.31
C PHE D 151 8.05 -1.03 29.01
N TYR D 152 8.98 -0.15 28.65
CA TYR D 152 10.29 -0.07 29.25
C TYR D 152 10.51 1.35 29.66
N SER D 153 11.47 1.53 30.53
CA SER D 153 11.88 2.83 30.99
C SER D 153 12.85 3.49 30.08
N GLN D 154 13.46 2.78 29.14
CA GLN D 154 14.41 3.41 28.27
C GLN D 154 14.57 2.67 26.99
N PHE D 155 15.10 3.41 26.02
CA PHE D 155 15.29 2.88 24.69
C PHE D 155 16.53 2.02 24.70
N ASN D 156 16.29 0.74 24.49
CA ASN D 156 17.33 -0.26 24.37
C ASN D 156 17.34 -0.61 22.89
N LYS D 157 18.29 -0.10 22.11
CA LYS D 157 18.33 -0.41 20.69
C LYS D 157 18.84 -1.84 20.44
N ASP D 158 18.12 -2.62 19.65
CA ASP D 158 18.62 -3.90 19.17
C ASP D 158 19.79 -3.64 18.22
N ASN D 159 20.86 -4.24 18.72
CA ASN D 159 22.13 -4.19 18.03
C ASN D 159 22.58 -5.40 17.24
N ALA D 160 21.99 -6.59 17.41
CA ALA D 160 22.39 -7.77 16.64
C ALA D 160 21.98 -7.57 15.17
N VAL D 161 22.69 -6.68 14.47
CA VAL D 161 22.48 -6.37 13.05
C VAL D 161 23.17 -7.59 12.39
N THR D 162 22.34 -8.61 12.18
CA THR D 162 22.75 -9.97 11.73
C THR D 162 21.44 -10.79 11.84
N SER D 163 20.84 -10.74 13.04
CA SER D 163 19.60 -11.45 13.33
C SER D 163 18.78 -10.48 14.21
N PRO D 164 18.23 -9.44 13.56
CA PRO D 164 17.57 -8.37 14.29
C PRO D 164 16.31 -8.94 14.92
N LYS D 165 15.99 -8.51 16.14
CA LYS D 165 14.77 -8.98 16.76
C LYS D 165 13.48 -8.50 16.14
N ARG D 166 13.46 -7.30 15.51
CA ARG D 166 12.28 -6.71 14.90
C ARG D 166 11.08 -6.63 15.83
N GLU D 167 11.37 -6.07 17.00
CA GLU D 167 10.38 -5.89 18.05
C GLU D 167 10.13 -4.43 18.30
N PHE D 168 9.03 -4.13 18.99
CA PHE D 168 8.79 -2.78 19.43
C PHE D 168 9.68 -2.48 20.64
N CYS D 169 10.03 -1.23 20.95
CA CYS D 169 10.69 -0.92 22.20
C CYS D 169 9.87 0.24 22.78
N PRO D 170 8.70 0.03 23.40
CA PRO D 170 7.85 1.11 23.87
C PRO D 170 8.41 1.74 25.12
N VAL D 171 8.89 2.99 25.10
CA VAL D 171 9.37 3.62 26.32
C VAL D 171 8.17 4.27 26.99
N ASP D 172 7.97 4.01 28.28
CA ASP D 172 6.81 4.44 29.03
C ASP D 172 6.51 5.92 29.09
N TYR D 173 7.42 6.84 29.46
CA TYR D 173 7.06 8.23 29.54
C TYR D 173 6.87 8.82 28.16
N LEU D 174 7.23 8.11 27.09
CA LEU D 174 6.97 8.57 25.73
C LEU D 174 5.77 7.84 25.10
N LEU D 175 4.93 7.14 25.89
CA LEU D 175 3.76 6.35 25.51
C LEU D 175 4.09 5.34 24.40
N GLY D 176 5.37 4.93 24.29
CA GLY D 176 5.81 3.99 23.29
C GLY D 176 5.83 4.56 21.89
N CYS D 177 5.60 5.86 21.69
CA CYS D 177 5.48 6.36 20.34
C CYS D 177 5.90 7.80 20.14
N GLY D 178 6.73 8.34 21.02
CA GLY D 178 7.37 9.62 20.74
C GLY D 178 6.59 10.82 21.16
N VAL D 179 5.59 10.66 22.03
CA VAL D 179 4.79 11.78 22.51
C VAL D 179 4.91 11.77 24.03
N LEU D 180 4.49 12.72 24.88
CA LEU D 180 4.68 12.56 26.30
C LEU D 180 3.49 11.85 26.91
N LEU D 181 3.72 10.87 27.78
CA LEU D 181 2.66 10.12 28.44
C LEU D 181 1.62 11.00 29.09
N GLY D 182 1.98 12.16 29.63
CA GLY D 182 1.03 13.02 30.30
C GLY D 182 -0.10 13.53 29.41
N ASN D 183 0.11 13.57 28.11
CA ASN D 183 -0.91 14.04 27.21
C ASN D 183 -1.79 12.91 26.73
N ALA D 184 -1.57 11.66 27.17
CA ALA D 184 -2.39 10.53 26.75
C ALA D 184 -3.84 10.69 27.23
N PHE D 185 -4.08 11.61 28.17
CA PHE D 185 -5.41 11.89 28.67
C PHE D 185 -6.33 12.50 27.59
N VAL D 186 -5.86 12.91 26.41
CA VAL D 186 -6.77 13.31 25.34
C VAL D 186 -7.44 12.10 24.73
N TYR D 187 -6.99 10.87 25.04
CA TYR D 187 -7.59 9.65 24.55
C TYR D 187 -8.63 9.23 25.56
N PRO D 188 -9.70 8.50 25.21
CA PRO D 188 -10.65 7.95 26.18
C PRO D 188 -9.93 7.15 27.25
N HIS D 189 -10.21 7.33 28.54
CA HIS D 189 -9.42 6.71 29.57
C HIS D 189 -10.17 6.69 30.89
N GLN D 190 -9.71 5.91 31.86
CA GLN D 190 -10.14 6.02 33.23
C GLN D 190 -8.88 5.80 34.06
N ILE D 191 -8.86 6.06 35.35
CA ILE D 191 -7.72 5.77 36.21
C ILE D 191 -8.24 4.76 37.25
N ILE D 192 -7.53 3.68 37.55
CA ILE D 192 -7.93 2.84 38.68
C ILE D 192 -6.99 3.34 39.78
N ASN D 193 -7.49 4.16 40.70
CA ASN D 193 -6.67 4.66 41.77
C ASN D 193 -7.13 3.79 42.91
N LEU D 194 -6.27 2.98 43.54
CA LEU D 194 -6.73 1.98 44.49
C LEU D 194 -7.51 2.48 45.67
N ARG D 195 -7.29 3.70 46.18
CA ARG D 195 -8.14 4.22 47.25
C ARG D 195 -9.56 4.51 46.80
N THR D 196 -9.81 4.67 45.49
CA THR D 196 -11.11 5.05 44.97
C THR D 196 -11.86 3.92 44.28
N ASN D 197 -11.25 3.15 43.37
CA ASN D 197 -12.01 2.20 42.59
C ASN D 197 -11.17 0.97 42.31
N ASN D 198 -11.83 -0.11 41.91
CA ASN D 198 -11.14 -1.33 41.64
C ASN D 198 -11.36 -1.76 40.23
N SER D 199 -11.97 -0.94 39.37
CA SER D 199 -12.14 -1.31 37.97
C SER D 199 -12.28 -0.09 37.10
N ALA D 200 -12.10 -0.25 35.79
CA ALA D 200 -12.30 0.79 34.79
C ALA D 200 -13.17 0.14 33.72
N THR D 201 -14.22 0.80 33.21
CA THR D 201 -15.06 0.27 32.14
C THR D 201 -15.07 1.34 31.03
N ILE D 202 -14.72 0.97 29.80
CA ILE D 202 -14.66 1.89 28.67
C ILE D 202 -15.37 1.22 27.50
N VAL D 203 -16.37 1.85 26.87
CA VAL D 203 -17.08 1.31 25.72
C VAL D 203 -16.46 1.97 24.50
N LEU D 204 -16.05 1.18 23.49
CA LEU D 204 -15.32 1.69 22.34
C LEU D 204 -16.15 1.50 21.10
N PRO D 205 -16.54 2.52 20.36
CA PRO D 205 -17.13 2.36 19.04
C PRO D 205 -16.08 1.82 18.06
N TYR D 206 -16.44 1.30 16.89
CA TYR D 206 -15.44 1.01 15.87
C TYR D 206 -14.94 2.38 15.36
N VAL D 207 -13.64 2.65 15.30
CA VAL D 207 -13.09 3.89 14.79
C VAL D 207 -12.12 3.43 13.71
N ASN D 208 -12.23 4.00 12.51
CA ASN D 208 -11.32 3.73 11.41
C ASN D 208 -11.65 4.76 10.32
N ALA D 209 -10.86 4.90 9.27
CA ALA D 209 -11.15 5.83 8.18
C ALA D 209 -12.00 5.16 7.10
N LEU D 210 -12.53 3.97 7.41
CA LEU D 210 -13.27 3.12 6.52
C LEU D 210 -14.41 2.55 7.35
N ALA D 211 -15.52 2.15 6.75
CA ALA D 211 -16.59 1.52 7.48
C ALA D 211 -16.23 0.10 7.89
N ILE D 212 -15.43 -0.68 7.15
CA ILE D 212 -15.05 -2.01 7.56
C ILE D 212 -13.65 -2.24 6.98
N ASP D 213 -12.80 -3.10 7.56
CA ASP D 213 -11.45 -3.30 7.12
C ASP D 213 -11.05 -4.74 7.46
N SER D 214 -9.82 -5.10 7.13
CA SER D 214 -9.25 -6.39 7.45
C SER D 214 -8.85 -6.40 8.91
N MET D 215 -9.41 -7.28 9.72
CA MET D 215 -9.04 -7.37 11.11
C MET D 215 -7.68 -8.03 11.30
N VAL D 216 -7.28 -8.87 10.36
CA VAL D 216 -6.02 -9.58 10.42
C VAL D 216 -4.85 -8.65 10.13
N LYS D 217 -5.03 -7.69 9.22
CA LYS D 217 -3.94 -6.77 8.89
C LYS D 217 -3.87 -5.55 9.78
N HIS D 218 -4.97 -5.13 10.38
CA HIS D 218 -5.02 -3.83 11.01
C HIS D 218 -5.65 -3.84 12.39
N ASN D 219 -5.03 -3.25 13.40
CA ASN D 219 -5.64 -3.15 14.72
C ASN D 219 -6.22 -1.75 14.83
N ASN D 220 -7.45 -1.63 15.29
CA ASN D 220 -8.17 -0.36 15.35
C ASN D 220 -7.87 0.40 16.62
N TRP D 221 -7.78 -0.33 17.74
CA TRP D 221 -7.58 0.26 19.05
C TRP D 221 -6.43 -0.38 19.78
N GLY D 222 -5.70 0.36 20.61
CA GLY D 222 -4.71 -0.20 21.50
C GLY D 222 -5.18 0.10 22.90
N ILE D 223 -4.89 -0.76 23.87
CA ILE D 223 -5.25 -0.55 25.28
C ILE D 223 -3.90 -0.41 25.93
N ALA D 224 -3.58 0.68 26.63
CA ALA D 224 -2.30 0.85 27.30
C ALA D 224 -2.56 1.01 28.79
N ILE D 225 -1.97 0.22 29.69
CA ILE D 225 -2.18 0.35 31.12
C ILE D 225 -0.81 0.65 31.68
N LEU D 226 -0.62 1.82 32.29
CA LEU D 226 0.66 2.20 32.86
C LEU D 226 0.52 2.57 34.33
N PRO D 227 1.40 2.25 35.29
CA PRO D 227 1.32 2.70 36.66
C PRO D 227 1.58 4.20 36.72
N LEU D 228 0.57 5.05 36.89
CA LEU D 228 0.80 6.48 37.00
C LEU D 228 1.41 6.72 38.36
N SER D 229 1.08 5.90 39.34
CA SER D 229 1.68 6.00 40.64
C SER D 229 1.92 4.55 41.03
N PRO D 230 3.14 4.16 41.42
CA PRO D 230 3.52 2.76 41.60
C PRO D 230 2.88 2.08 42.79
N LEU D 231 2.80 0.76 42.73
CA LEU D 231 2.14 -0.01 43.76
C LEU D 231 2.90 0.06 45.06
N ASP D 232 2.21 0.22 46.18
CA ASP D 232 2.87 0.17 47.46
C ASP D 232 1.98 -0.36 48.54
N PHE D 233 2.53 -0.99 49.56
CA PHE D 233 1.74 -1.61 50.57
C PHE D 233 2.55 -1.65 51.84
N ALA D 234 1.86 -1.37 52.97
CA ALA D 234 2.38 -1.45 54.32
C ALA D 234 3.80 -0.97 54.27
N GLN D 235 4.81 -1.82 54.48
CA GLN D 235 6.18 -1.32 54.29
C GLN D 235 6.95 -2.36 53.50
N ASP D 236 6.21 -3.35 52.95
CA ASP D 236 6.77 -4.45 52.20
C ASP D 236 7.23 -3.84 50.88
N SER D 237 8.36 -4.45 50.50
CA SER D 237 9.07 -4.12 49.28
C SER D 237 8.73 -5.06 48.12
N SER D 238 7.88 -6.10 48.27
CA SER D 238 7.55 -6.90 47.08
C SER D 238 6.08 -7.29 46.97
N VAL D 239 5.24 -6.29 47.21
CA VAL D 239 3.84 -6.48 47.00
C VAL D 239 3.58 -6.73 45.49
N GLU D 240 2.64 -7.63 45.15
CA GLU D 240 2.15 -7.85 43.80
C GLU D 240 0.64 -8.04 43.82
N ILE D 241 -0.17 -7.47 42.92
CA ILE D 241 -1.59 -7.76 42.89
C ILE D 241 -1.95 -8.00 41.43
N PRO D 242 -2.93 -8.85 41.10
CA PRO D 242 -3.33 -9.15 39.73
C PRO D 242 -3.98 -7.99 39.01
N ILE D 243 -3.90 -7.94 37.69
CA ILE D 243 -4.69 -7.03 36.87
C ILE D 243 -5.34 -7.98 35.86
N THR D 244 -6.66 -8.04 35.73
CA THR D 244 -7.32 -8.93 34.75
C THR D 244 -8.08 -8.06 33.76
N VAL D 245 -8.02 -8.34 32.47
CA VAL D 245 -8.65 -7.54 31.43
C VAL D 245 -9.72 -8.41 30.81
N THR D 246 -10.98 -7.97 30.78
CA THR D 246 -12.06 -8.73 30.19
C THR D 246 -12.60 -7.82 29.09
N ILE D 247 -12.77 -8.30 27.85
CA ILE D 247 -13.19 -7.47 26.73
C ILE D 247 -14.31 -8.19 26.00
N ALA D 248 -15.34 -7.48 25.55
CA ALA D 248 -16.44 -8.09 24.80
C ALA D 248 -16.58 -7.39 23.47
N PRO D 249 -16.51 -8.06 22.31
CA PRO D 249 -16.91 -7.54 21.02
C PRO D 249 -18.33 -7.00 21.08
N MET D 250 -18.67 -5.96 20.32
CA MET D 250 -20.02 -5.42 20.27
C MET D 250 -20.33 -5.05 18.83
N CYS D 251 -21.54 -5.32 18.35
CA CYS D 251 -21.99 -5.05 17.00
C CYS D 251 -21.04 -5.57 15.92
N SER D 252 -20.64 -6.82 16.07
CA SER D 252 -19.73 -7.48 15.14
C SER D 252 -20.38 -7.80 13.81
N GLU D 253 -19.81 -7.40 12.67
CA GLU D 253 -20.32 -7.88 11.41
C GLU D 253 -19.11 -8.14 10.52
N PHE D 254 -19.25 -9.15 9.67
CA PHE D 254 -18.16 -9.68 8.88
C PHE D 254 -18.62 -9.80 7.44
N ASN D 255 -17.73 -9.61 6.49
CA ASN D 255 -18.03 -9.70 5.08
C ASN D 255 -16.87 -10.41 4.40
N GLY D 256 -17.13 -11.06 3.27
CA GLY D 256 -16.12 -11.65 2.43
C GLY D 256 -15.69 -13.02 2.89
N LEU D 257 -16.61 -13.97 3.00
CA LEU D 257 -16.32 -15.31 3.47
C LEU D 257 -15.54 -16.14 2.47
N ARG D 258 -14.56 -16.92 2.92
CA ARG D 258 -13.86 -17.86 2.07
C ARG D 258 -13.17 -18.87 2.98
N ASN D 259 -12.04 -19.46 2.59
CA ASN D 259 -11.34 -20.39 3.45
C ASN D 259 -10.65 -19.62 4.57
N VAL D 260 -10.26 -20.29 5.66
CA VAL D 260 -9.70 -19.60 6.82
C VAL D 260 -8.27 -19.12 6.65
N THR D 261 -8.01 -17.91 7.15
CA THR D 261 -6.67 -17.35 7.24
C THR D 261 -5.91 -18.05 8.36
N ALA D 262 -4.68 -18.51 8.10
CA ALA D 262 -3.87 -19.11 9.15
C ALA D 262 -2.56 -18.33 9.18
N PRO D 263 -2.42 -17.27 9.99
CA PRO D 263 -1.21 -16.47 10.04
C PRO D 263 -0.04 -17.28 10.60
N LYS D 264 1.16 -16.90 10.24
CA LYS D 264 2.32 -17.57 10.77
C LYS D 264 2.82 -16.73 11.91
N PHE D 265 2.68 -17.26 13.12
CA PHE D 265 3.13 -16.53 14.29
C PHE D 265 4.43 -17.12 14.79
N GLN D 266 4.61 -18.42 14.62
CA GLN D 266 5.83 -19.12 14.99
C GLN D 266 6.15 -20.02 13.78
N GLY E 1 -24.32 35.04 -8.94
CA GLY E 1 -23.64 34.03 -8.14
C GLY E 1 -22.74 34.68 -7.10
N ALA E 2 -22.82 36.01 -6.92
CA ALA E 2 -21.98 36.69 -5.95
C ALA E 2 -22.54 36.41 -4.58
N GLN E 3 -21.72 36.06 -3.63
CA GLN E 3 -22.13 35.83 -2.28
C GLN E 3 -21.72 37.10 -1.56
N VAL E 4 -22.53 37.76 -0.73
CA VAL E 4 -22.09 38.95 -0.04
C VAL E 4 -22.13 38.66 1.45
N SER E 5 -21.07 38.80 2.24
CA SER E 5 -21.17 38.54 3.67
C SER E 5 -20.63 39.72 4.42
N SER E 6 -20.89 39.80 5.70
CA SER E 6 -20.36 40.83 6.58
C SER E 6 -18.94 40.58 7.04
N GLN E 7 -18.12 41.61 7.20
CA GLN E 7 -16.79 41.46 7.75
C GLN E 7 -16.98 41.70 9.24
N LYS E 8 -16.16 41.10 10.10
CA LYS E 8 -16.17 41.37 11.54
C LYS E 8 -15.16 42.51 11.67
N VAL E 9 -15.56 43.78 11.83
CA VAL E 9 -14.56 44.85 11.83
C VAL E 9 -13.76 45.03 13.14
N GLY E 10 -12.42 45.07 13.01
CA GLY E 10 -11.52 45.31 14.11
C GLY E 10 -11.32 46.78 14.37
N ALA E 11 -10.30 47.43 13.79
CA ALA E 11 -10.15 48.87 13.92
C ALA E 11 -11.18 49.58 13.01
N HIS E 12 -11.77 50.66 13.49
CA HIS E 12 -12.79 51.41 12.77
C HIS E 12 -12.26 52.78 12.41
N GLU E 13 -12.52 53.20 11.20
CA GLU E 13 -12.12 54.51 10.74
C GLU E 13 -13.10 55.55 11.32
N ASN E 14 -12.76 56.82 11.48
CA ASN E 14 -13.74 57.80 11.92
C ASN E 14 -14.65 58.15 10.76
N SER E 15 -15.38 57.20 10.22
CA SER E 15 -16.31 57.42 9.13
C SER E 15 -17.69 57.23 9.74
N SER E 22 -20.42 50.57 11.30
CA SER E 22 -21.44 49.98 10.42
C SER E 22 -20.89 48.68 9.80
N THR E 23 -21.86 47.83 9.35
CA THR E 23 -21.67 46.50 8.69
C THR E 23 -20.93 46.81 7.36
N ILE E 24 -19.72 46.24 7.27
CA ILE E 24 -18.99 46.37 6.04
C ILE E 24 -19.03 44.98 5.44
N ASN E 25 -19.33 44.90 4.16
CA ASN E 25 -19.51 43.63 3.50
C ASN E 25 -18.37 43.33 2.54
N TYR E 26 -18.23 42.07 2.13
CA TYR E 26 -17.28 41.72 1.10
C TYR E 26 -17.97 40.75 0.15
N THR E 27 -17.49 40.65 -1.08
CA THR E 27 -18.13 39.87 -2.12
C THR E 27 -17.25 38.74 -2.60
N THR E 28 -17.83 37.57 -2.94
CA THR E 28 -17.09 36.42 -3.43
C THR E 28 -17.82 35.81 -4.62
N ILE E 29 -17.12 35.38 -5.67
CA ILE E 29 -17.71 34.69 -6.80
C ILE E 29 -16.79 33.51 -7.01
N ASN E 30 -17.30 32.31 -7.21
CA ASN E 30 -16.45 31.17 -7.49
C ASN E 30 -16.30 31.10 -8.98
N TYR E 31 -15.08 30.96 -9.46
CA TYR E 31 -14.86 30.95 -10.88
C TYR E 31 -14.67 29.56 -11.45
N TYR E 32 -14.60 28.50 -10.62
CA TYR E 32 -14.27 27.18 -11.13
C TYR E 32 -15.37 26.21 -10.77
N LYS E 33 -15.53 25.20 -11.61
CA LYS E 33 -16.52 24.19 -11.39
C LYS E 33 -16.18 23.25 -10.25
N ASP E 34 -14.89 22.95 -10.06
CA ASP E 34 -14.49 22.01 -9.04
C ASP E 34 -14.39 22.70 -7.70
N SER E 35 -15.03 22.18 -6.66
CA SER E 35 -15.01 22.84 -5.39
C SER E 35 -13.64 22.85 -4.73
N ALA E 36 -12.73 21.96 -5.13
CA ALA E 36 -11.38 22.01 -4.64
C ALA E 36 -10.72 23.32 -5.02
N SER E 37 -11.15 24.02 -6.09
CA SER E 37 -10.55 25.28 -6.49
C SER E 37 -10.94 26.43 -5.59
N ASN E 38 -12.00 26.25 -4.82
CA ASN E 38 -12.51 27.34 -4.02
C ASN E 38 -11.57 27.78 -2.92
N ALA E 39 -11.71 29.04 -2.49
CA ALA E 39 -10.93 29.53 -1.39
C ALA E 39 -11.57 29.00 -0.12
N ALA E 40 -11.12 29.29 1.10
CA ALA E 40 -11.77 28.81 2.31
C ALA E 40 -12.72 29.90 2.76
N SER E 41 -13.94 29.65 3.24
CA SER E 41 -14.79 30.76 3.62
C SER E 41 -14.48 31.26 5.01
N LYS E 42 -13.84 30.42 5.83
CA LYS E 42 -13.43 30.72 7.19
C LYS E 42 -14.56 31.23 8.05
N GLN E 43 -15.77 30.76 7.79
CA GLN E 43 -16.91 31.17 8.58
C GLN E 43 -17.23 29.89 9.28
N ASP E 44 -16.44 29.58 10.28
CA ASP E 44 -16.51 28.25 10.82
C ASP E 44 -17.11 28.19 12.18
N TYR E 45 -18.00 27.23 12.24
CA TYR E 45 -18.69 26.95 13.48
C TYR E 45 -17.78 26.03 14.29
N SER E 46 -18.17 26.01 15.56
CA SER E 46 -17.47 25.32 16.63
C SER E 46 -18.39 24.28 17.24
N GLN E 47 -17.94 23.66 18.34
CA GLN E 47 -18.75 22.63 18.96
C GLN E 47 -18.35 22.53 20.41
N ASP E 48 -19.04 21.58 21.00
CA ASP E 48 -18.86 21.20 22.37
C ASP E 48 -17.72 20.20 22.55
N PRO E 49 -16.79 20.50 23.48
CA PRO E 49 -15.71 19.61 23.83
C PRO E 49 -16.12 18.38 24.64
N SER E 50 -17.36 18.24 25.11
CA SER E 50 -17.82 17.12 25.92
C SER E 50 -17.44 15.74 25.52
N LYS E 51 -17.34 15.46 24.23
CA LYS E 51 -16.98 14.12 23.80
C LYS E 51 -15.57 13.77 24.25
N PHE E 52 -14.77 14.79 24.57
CA PHE E 52 -13.43 14.62 25.10
C PHE E 52 -13.39 14.95 26.59
N THR E 53 -14.07 16.00 27.05
CA THR E 53 -13.95 16.39 28.43
C THR E 53 -14.85 15.63 29.36
N GLU E 54 -15.97 15.08 28.91
CA GLU E 54 -16.90 14.38 29.79
C GLU E 54 -17.51 13.18 29.08
N PRO E 55 -16.77 12.19 28.56
CA PRO E 55 -17.37 11.11 27.79
C PRO E 55 -17.93 10.04 28.72
N LEU E 56 -18.75 10.40 29.70
CA LEU E 56 -19.20 9.49 30.73
C LEU E 56 -20.56 8.97 30.40
N LYS E 57 -20.89 7.76 30.79
CA LYS E 57 -22.19 7.21 30.53
C LYS E 57 -23.25 7.96 31.34
N ASP E 58 -23.02 8.25 32.63
CA ASP E 58 -23.93 9.06 33.42
C ASP E 58 -23.21 10.38 33.61
N VAL E 59 -23.53 11.48 32.93
CA VAL E 59 -22.75 12.71 33.14
C VAL E 59 -23.36 13.38 34.36
N LEU E 60 -22.55 13.71 35.36
CA LEU E 60 -23.12 14.30 36.58
C LEU E 60 -22.88 15.81 36.59
N ILE E 61 -23.67 16.52 37.37
CA ILE E 61 -23.58 17.97 37.47
C ILE E 61 -22.39 18.34 38.38
N LYS E 62 -21.65 19.42 38.07
CA LYS E 62 -20.44 19.76 38.81
C LYS E 62 -20.62 20.05 40.29
N THR E 63 -21.82 20.42 40.75
CA THR E 63 -22.05 20.69 42.16
C THR E 63 -22.29 19.44 43.00
N ALA E 64 -22.67 18.35 42.31
CA ALA E 64 -22.95 17.08 42.98
C ALA E 64 -21.64 16.32 43.15
N PRO E 65 -21.50 15.36 44.08
CA PRO E 65 -20.33 14.48 44.13
C PRO E 65 -20.14 13.62 42.87
N ALA E 66 -18.88 13.52 42.40
CA ALA E 66 -18.55 12.71 41.23
C ALA E 66 -18.74 11.24 41.54
N LEU E 67 -18.46 10.81 42.76
CA LEU E 67 -18.70 9.44 43.15
C LEU E 67 -19.73 9.47 44.24
N ASN E 68 -20.87 8.87 43.92
CA ASN E 68 -22.03 8.75 44.78
C ASN E 68 -22.17 7.23 44.95
N GLY F 1 -9.35 51.96 -16.02
CA GLY F 1 -8.23 51.33 -15.38
C GLY F 1 -8.86 50.61 -14.19
N LEU F 2 -9.52 49.45 -14.27
CA LEU F 2 -10.00 48.79 -13.05
C LEU F 2 -8.75 48.36 -12.27
N PRO F 3 -8.55 48.73 -11.02
CA PRO F 3 -7.37 48.28 -10.29
C PRO F 3 -7.40 46.75 -10.11
N VAL F 4 -6.35 45.98 -10.45
CA VAL F 4 -6.31 44.52 -10.33
C VAL F 4 -5.03 44.10 -9.60
N LEU F 5 -4.96 42.90 -9.01
CA LEU F 5 -3.79 42.43 -8.33
C LEU F 5 -3.62 41.00 -8.78
N ASN F 6 -2.50 40.63 -9.37
CA ASN F 6 -2.24 39.28 -9.88
C ASN F 6 -1.91 38.29 -8.79
N THR F 7 -2.55 37.13 -8.77
CA THR F 7 -2.33 36.17 -7.70
C THR F 7 -1.33 35.10 -8.10
N PRO F 8 -0.79 34.25 -7.19
CA PRO F 8 -0.06 33.07 -7.56
C PRO F 8 -0.83 32.25 -8.60
N GLY F 9 -0.12 31.69 -9.53
CA GLY F 9 -0.71 30.91 -10.59
C GLY F 9 -0.69 31.74 -11.85
N SER F 10 -0.64 33.06 -11.78
CA SER F 10 -0.63 33.89 -12.97
C SER F 10 0.39 33.49 -14.00
N ASN F 11 -0.04 33.32 -15.26
CA ASN F 11 0.80 33.00 -16.42
C ASN F 11 1.32 31.58 -16.47
N GLN F 12 0.81 30.67 -15.64
CA GLN F 12 1.23 29.28 -15.71
C GLN F 12 0.41 28.62 -16.82
N TYR F 13 0.77 27.40 -17.24
CA TYR F 13 -0.09 26.63 -18.11
C TYR F 13 -0.31 25.28 -17.42
N LEU F 14 -1.52 24.99 -16.95
CA LEU F 14 -1.82 23.70 -16.37
C LEU F 14 -2.47 22.88 -17.49
N THR F 15 -1.96 21.73 -17.95
CA THR F 15 -2.55 21.02 -19.07
C THR F 15 -3.94 20.46 -18.81
N SER F 16 -4.44 20.42 -17.58
CA SER F 16 -5.81 20.03 -17.33
C SER F 16 -6.72 21.23 -17.00
N ASP F 17 -6.34 22.46 -17.37
CA ASP F 17 -7.18 23.59 -17.04
C ASP F 17 -8.37 23.56 -18.00
N ASN F 18 -9.29 24.49 -17.84
CA ASN F 18 -10.45 24.50 -18.67
C ASN F 18 -10.82 25.96 -18.88
N HIS F 19 -10.25 26.65 -19.87
CA HIS F 19 -10.49 28.07 -20.08
C HIS F 19 -10.86 28.35 -21.52
N GLN F 20 -11.32 29.57 -21.77
CA GLN F 20 -11.68 30.05 -23.08
C GLN F 20 -10.43 30.58 -23.77
N SER F 21 -10.45 30.64 -25.10
CA SER F 21 -9.34 31.23 -25.84
C SER F 21 -9.89 31.73 -27.16
N PRO F 22 -9.28 32.71 -27.84
CA PRO F 22 -9.80 33.29 -29.08
C PRO F 22 -9.90 32.26 -30.16
N CYS F 23 -10.92 32.31 -31.01
CA CYS F 23 -11.07 31.38 -32.11
C CYS F 23 -10.25 31.86 -33.28
N ALA F 24 -9.35 31.03 -33.80
CA ALA F 24 -8.47 31.42 -34.90
C ALA F 24 -9.15 31.47 -36.25
N ILE F 25 -10.26 30.77 -36.49
CA ILE F 25 -10.95 30.82 -37.77
C ILE F 25 -12.38 31.28 -37.44
N PRO F 26 -12.65 32.58 -37.23
CA PRO F 26 -13.97 33.06 -36.86
C PRO F 26 -14.98 32.91 -37.97
N GLU F 27 -16.24 32.72 -37.59
CA GLU F 27 -17.38 32.68 -38.48
C GLU F 27 -17.35 31.54 -39.51
N PHE F 28 -16.64 30.49 -39.16
CA PHE F 28 -16.51 29.34 -40.01
C PHE F 28 -17.87 28.64 -40.09
N ASP F 29 -18.25 28.19 -41.28
CA ASP F 29 -19.50 27.51 -41.46
C ASP F 29 -19.31 26.02 -41.14
N VAL F 30 -19.50 25.60 -39.90
CA VAL F 30 -19.32 24.21 -39.48
C VAL F 30 -20.25 23.23 -40.17
N THR F 31 -19.81 22.05 -40.61
CA THR F 31 -20.68 21.03 -41.17
C THR F 31 -21.54 20.51 -40.02
N PRO F 32 -22.87 20.46 -40.11
CA PRO F 32 -23.72 19.94 -39.05
C PRO F 32 -23.53 18.45 -38.83
N PRO F 33 -23.88 17.87 -37.69
CA PRO F 33 -23.76 16.45 -37.45
C PRO F 33 -24.81 15.64 -38.18
N ILE F 34 -24.61 14.34 -38.32
CA ILE F 34 -25.65 13.47 -38.79
C ILE F 34 -25.67 12.42 -37.71
N ASP F 35 -26.72 11.62 -37.73
CA ASP F 35 -26.86 10.59 -36.72
C ASP F 35 -26.10 9.33 -37.06
N ILE F 36 -24.84 9.22 -36.65
CA ILE F 36 -24.06 8.03 -36.94
C ILE F 36 -24.44 6.99 -35.88
N PRO F 37 -24.68 5.71 -36.21
CA PRO F 37 -24.86 4.64 -35.23
C PRO F 37 -23.67 4.49 -34.33
N GLY F 38 -23.81 4.03 -33.10
CA GLY F 38 -22.66 3.68 -32.32
C GLY F 38 -22.08 4.74 -31.45
N GLU F 39 -22.81 5.79 -31.06
CA GLU F 39 -22.23 6.83 -30.23
C GLU F 39 -21.93 6.36 -28.82
N VAL F 40 -20.81 6.81 -28.22
CA VAL F 40 -20.39 6.43 -26.88
C VAL F 40 -20.42 7.68 -26.03
N LYS F 41 -20.94 7.62 -24.80
CA LYS F 41 -20.99 8.75 -23.90
C LYS F 41 -20.04 8.64 -22.73
N ASN F 42 -19.62 7.44 -22.33
CA ASN F 42 -18.78 7.26 -21.18
C ASN F 42 -17.84 6.09 -21.43
N MET F 43 -16.56 6.12 -21.08
CA MET F 43 -15.60 5.04 -21.31
C MET F 43 -16.01 3.79 -20.57
N MET F 44 -16.75 3.90 -19.45
CA MET F 44 -17.19 2.71 -18.77
C MET F 44 -18.18 1.89 -19.59
N GLU F 45 -18.82 2.45 -20.63
CA GLU F 45 -19.67 1.65 -21.50
C GLU F 45 -18.84 0.59 -22.19
N LEU F 46 -17.55 0.83 -22.49
CA LEU F 46 -16.71 -0.11 -23.20
C LEU F 46 -16.25 -1.19 -22.25
N ALA F 47 -16.05 -0.88 -20.97
CA ALA F 47 -15.66 -1.90 -20.00
C ALA F 47 -16.81 -2.85 -19.67
N GLU F 48 -18.04 -2.52 -20.05
CA GLU F 48 -19.18 -3.39 -19.81
C GLU F 48 -19.46 -4.40 -20.91
N ILE F 49 -18.72 -4.33 -22.02
CA ILE F 49 -18.86 -5.26 -23.12
C ILE F 49 -17.90 -6.40 -22.80
N ASP F 50 -18.37 -7.65 -22.84
CA ASP F 50 -17.51 -8.81 -22.70
C ASP F 50 -16.43 -8.83 -23.77
N THR F 51 -15.15 -9.00 -23.41
CA THR F 51 -14.09 -9.23 -24.38
C THR F 51 -13.39 -10.48 -23.87
N MET F 52 -12.78 -11.25 -24.78
CA MET F 52 -12.20 -12.55 -24.49
C MET F 52 -10.89 -12.45 -23.74
N ILE F 53 -10.73 -13.25 -22.69
CA ILE F 53 -9.57 -13.21 -21.84
C ILE F 53 -8.45 -14.06 -22.42
N PRO F 54 -7.19 -13.58 -22.59
CA PRO F 54 -6.05 -14.43 -22.94
C PRO F 54 -5.65 -15.23 -21.71
N LEU F 55 -6.37 -16.32 -21.40
CA LEU F 55 -6.17 -17.11 -20.19
C LEU F 55 -4.95 -17.98 -20.16
N ASN F 56 -4.42 -18.30 -21.32
CA ASN F 56 -3.34 -19.25 -21.45
C ASN F 56 -2.07 -18.59 -21.98
N LEU F 57 -1.26 -18.04 -21.07
CA LEU F 57 -0.08 -17.32 -21.49
C LEU F 57 1.18 -18.12 -21.24
N GLU F 58 1.06 -19.44 -21.38
CA GLU F 58 2.19 -20.32 -21.31
C GLU F 58 3.06 -20.01 -22.51
N SER F 59 4.31 -20.34 -22.36
CA SER F 59 5.37 -20.15 -23.31
C SER F 59 5.09 -20.14 -24.81
N THR F 60 4.51 -21.23 -25.24
CA THR F 60 4.21 -21.44 -26.64
C THR F 60 2.85 -20.93 -27.07
N LYS F 61 2.04 -20.51 -26.11
CA LYS F 61 0.69 -20.10 -26.36
C LYS F 61 0.56 -18.62 -26.36
N ARG F 62 1.32 -17.89 -25.54
CA ARG F 62 1.13 -16.45 -25.50
C ARG F 62 1.42 -15.86 -26.84
N ASN F 63 0.61 -14.88 -27.23
CA ASN F 63 0.73 -14.19 -28.51
C ASN F 63 0.48 -15.07 -29.70
N THR F 64 -0.46 -16.01 -29.54
CA THR F 64 -0.94 -16.81 -30.64
C THR F 64 -2.43 -16.92 -30.38
N MET F 65 -3.22 -17.47 -31.31
CA MET F 65 -4.63 -17.68 -31.07
C MET F 65 -4.81 -18.63 -29.91
N ASP F 66 -3.83 -19.46 -29.58
CA ASP F 66 -4.01 -20.37 -28.46
C ASP F 66 -4.00 -19.71 -27.12
N MET F 67 -3.63 -18.44 -26.94
CA MET F 67 -3.69 -17.86 -25.62
C MET F 67 -5.13 -17.70 -25.14
N TYR F 68 -6.10 -17.78 -26.02
CA TYR F 68 -7.50 -17.65 -25.67
C TYR F 68 -8.13 -19.00 -25.38
N ARG F 69 -7.44 -20.15 -25.55
CA ARG F 69 -8.11 -21.43 -25.42
C ARG F 69 -7.64 -22.18 -24.20
N VAL F 70 -8.52 -22.65 -23.32
CA VAL F 70 -8.12 -23.46 -22.18
C VAL F 70 -8.65 -24.84 -22.53
N THR F 71 -7.81 -25.85 -22.46
CA THR F 71 -8.20 -27.20 -22.84
C THR F 71 -8.84 -27.91 -21.68
N LEU F 72 -10.03 -28.45 -21.94
CA LEU F 72 -10.70 -29.29 -20.98
C LEU F 72 -10.62 -30.69 -21.56
N SER F 73 -10.57 -31.76 -20.78
CA SER F 73 -10.61 -33.08 -21.37
C SER F 73 -11.16 -34.10 -20.39
N ASP F 74 -11.62 -35.23 -20.88
CA ASP F 74 -12.18 -36.24 -20.00
C ASP F 74 -11.11 -37.01 -19.23
N SER F 75 -9.83 -36.79 -19.48
CA SER F 75 -8.79 -37.47 -18.73
C SER F 75 -7.97 -36.51 -17.90
N ALA F 76 -8.43 -35.27 -17.71
CA ALA F 76 -7.70 -34.32 -16.90
C ALA F 76 -7.56 -34.83 -15.49
N ASP F 77 -6.51 -34.43 -14.78
CA ASP F 77 -6.35 -34.78 -13.40
C ASP F 77 -7.41 -33.99 -12.64
N LEU F 78 -8.39 -34.65 -12.07
CA LEU F 78 -9.51 -33.95 -11.45
C LEU F 78 -9.16 -33.21 -10.18
N SER F 79 -8.00 -33.47 -9.59
CA SER F 79 -7.66 -32.78 -8.36
C SER F 79 -7.00 -31.43 -8.57
N GLN F 80 -6.49 -31.19 -9.77
CA GLN F 80 -5.74 -30.00 -10.08
C GLN F 80 -6.63 -28.87 -10.57
N PRO F 81 -6.33 -27.59 -10.35
CA PRO F 81 -7.09 -26.50 -10.91
C PRO F 81 -7.05 -26.48 -12.42
N ILE F 82 -8.09 -26.01 -13.10
CA ILE F 82 -8.09 -25.82 -14.53
C ILE F 82 -7.38 -24.49 -14.77
N LEU F 83 -7.62 -23.44 -14.00
CA LEU F 83 -6.92 -22.17 -14.16
C LEU F 83 -6.90 -21.45 -12.83
N CYS F 84 -6.01 -20.48 -12.64
CA CYS F 84 -5.86 -19.72 -11.40
C CYS F 84 -5.53 -18.32 -11.83
N LEU F 85 -6.00 -17.27 -11.19
CA LEU F 85 -5.81 -15.91 -11.71
C LEU F 85 -6.01 -14.97 -10.55
N SER F 86 -5.27 -13.87 -10.43
CA SER F 86 -5.51 -12.89 -9.40
C SER F 86 -6.48 -11.81 -9.81
N LEU F 87 -7.28 -11.26 -8.90
CA LEU F 87 -8.20 -10.22 -9.28
C LEU F 87 -7.50 -8.87 -9.28
N SER F 88 -6.66 -8.63 -10.29
CA SER F 88 -6.02 -7.34 -10.48
C SER F 88 -6.36 -6.99 -11.90
N PRO F 89 -7.54 -6.43 -12.19
CA PRO F 89 -8.03 -6.32 -13.55
C PRO F 89 -7.17 -5.43 -14.45
N ALA F 90 -6.31 -4.54 -13.96
CA ALA F 90 -5.50 -3.73 -14.86
C ALA F 90 -4.06 -4.20 -14.87
N PHE F 91 -3.74 -5.22 -14.08
CA PHE F 91 -2.37 -5.60 -13.88
C PHE F 91 -2.04 -7.04 -14.16
N ASP F 92 -2.90 -7.97 -13.79
CA ASP F 92 -2.63 -9.36 -14.01
C ASP F 92 -2.52 -9.52 -15.51
N PRO F 93 -1.54 -10.22 -16.08
CA PRO F 93 -1.31 -10.23 -17.53
C PRO F 93 -2.44 -10.86 -18.31
N ARG F 94 -3.30 -11.65 -17.66
CA ARG F 94 -4.43 -12.22 -18.38
C ARG F 94 -5.55 -11.21 -18.48
N LEU F 95 -5.67 -10.28 -17.53
CA LEU F 95 -6.74 -9.31 -17.55
C LEU F 95 -6.32 -7.96 -18.08
N SER F 96 -5.06 -7.55 -17.99
CA SER F 96 -4.70 -6.18 -18.33
C SER F 96 -4.91 -5.74 -19.75
N HIS F 97 -5.00 -6.64 -20.72
CA HIS F 97 -5.18 -6.27 -22.11
C HIS F 97 -6.56 -6.54 -22.65
N THR F 98 -7.52 -6.91 -21.80
CA THR F 98 -8.90 -7.05 -22.21
C THR F 98 -9.42 -5.60 -22.37
N MET F 99 -10.60 -5.33 -22.96
CA MET F 99 -11.06 -3.95 -23.08
C MET F 99 -11.23 -3.36 -21.69
N LEU F 100 -11.77 -4.12 -20.71
CA LEU F 100 -11.81 -3.68 -19.33
C LEU F 100 -10.41 -3.31 -18.82
N GLY F 101 -9.37 -4.15 -19.00
CA GLY F 101 -8.04 -3.81 -18.52
C GLY F 101 -7.44 -2.64 -19.28
N GLU F 102 -7.75 -2.43 -20.56
CA GLU F 102 -7.15 -1.33 -21.29
C GLU F 102 -7.70 0.01 -20.86
N VAL F 103 -9.01 0.11 -20.57
CA VAL F 103 -9.62 1.33 -20.04
C VAL F 103 -9.11 1.57 -18.62
N LEU F 104 -9.01 0.57 -17.72
CA LEU F 104 -8.54 0.83 -16.36
C LEU F 104 -7.11 1.28 -16.34
N ASN F 105 -6.31 0.95 -17.36
CA ASN F 105 -4.94 1.39 -17.35
C ASN F 105 -4.77 2.84 -17.71
N TYR F 106 -5.84 3.59 -17.97
CA TYR F 106 -5.75 5.03 -18.09
C TYR F 106 -6.26 5.65 -16.79
N TYR F 107 -6.53 4.89 -15.72
CA TYR F 107 -7.03 5.45 -14.48
C TYR F 107 -6.22 4.84 -13.34
N THR F 108 -6.13 5.53 -12.22
CA THR F 108 -5.35 5.05 -11.10
C THR F 108 -6.16 4.18 -10.15
N HIS F 109 -7.47 4.35 -10.02
CA HIS F 109 -8.27 3.68 -9.02
C HIS F 109 -9.46 3.01 -9.68
N TRP F 110 -9.96 1.88 -9.19
CA TRP F 110 -11.13 1.24 -9.76
C TRP F 110 -12.00 0.72 -8.63
N ALA F 111 -13.30 0.54 -8.84
CA ALA F 111 -14.17 -0.03 -7.82
C ALA F 111 -15.40 -0.61 -8.48
N GLY F 112 -15.92 -1.74 -8.00
CA GLY F 112 -17.14 -2.30 -8.51
C GLY F 112 -17.01 -3.80 -8.66
N SER F 113 -18.09 -4.35 -9.18
CA SER F 113 -18.20 -5.78 -9.37
C SER F 113 -17.89 -6.08 -10.82
N LEU F 114 -17.42 -7.30 -11.06
CA LEU F 114 -16.93 -7.77 -12.34
C LEU F 114 -17.64 -9.09 -12.64
N LYS F 115 -17.82 -9.53 -13.88
CA LYS F 115 -18.39 -10.83 -14.12
C LYS F 115 -17.56 -11.57 -15.17
N PHE F 116 -17.27 -12.84 -14.92
CA PHE F 116 -16.50 -13.72 -15.80
C PHE F 116 -17.48 -14.65 -16.47
N THR F 117 -17.59 -14.73 -17.80
CA THR F 117 -18.49 -15.67 -18.44
C THR F 117 -17.63 -16.67 -19.21
N PHE F 118 -17.88 -17.96 -19.06
CA PHE F 118 -17.09 -18.97 -19.74
C PHE F 118 -17.97 -19.67 -20.76
N LEU F 119 -17.45 -19.95 -21.96
CA LEU F 119 -18.14 -20.61 -23.07
C LEU F 119 -17.53 -22.00 -23.30
N PHE F 120 -18.30 -23.08 -23.32
CA PHE F 120 -17.82 -24.42 -23.59
C PHE F 120 -17.88 -24.68 -25.08
N CYS F 121 -16.78 -25.05 -25.77
CA CYS F 121 -16.80 -25.28 -27.20
C CYS F 121 -16.57 -26.73 -27.57
N GLY F 122 -17.03 -27.65 -26.72
CA GLY F 122 -16.96 -29.06 -27.01
C GLY F 122 -18.12 -29.45 -27.92
N SER F 123 -18.31 -30.73 -28.23
CA SER F 123 -19.42 -31.10 -29.09
C SER F 123 -20.69 -31.11 -28.26
N MET F 124 -21.85 -31.24 -28.89
CA MET F 124 -23.08 -31.33 -28.13
C MET F 124 -23.13 -32.60 -27.30
N MET F 125 -22.41 -33.66 -27.65
CA MET F 125 -22.47 -34.89 -26.89
C MET F 125 -21.62 -34.84 -25.63
N ALA F 126 -20.82 -33.81 -25.36
CA ALA F 126 -19.98 -33.76 -24.17
C ALA F 126 -20.75 -33.22 -22.98
N THR F 127 -20.63 -33.75 -21.75
CA THR F 127 -21.32 -33.20 -20.60
C THR F 127 -20.26 -32.90 -19.53
N GLY F 128 -20.56 -32.23 -18.42
CA GLY F 128 -19.58 -31.97 -17.39
C GLY F 128 -20.15 -30.99 -16.38
N LYS F 129 -19.59 -30.92 -15.17
CA LYS F 129 -19.97 -29.89 -14.22
C LYS F 129 -18.65 -29.29 -13.77
N ILE F 130 -18.56 -27.96 -13.68
CA ILE F 130 -17.35 -27.23 -13.32
C ILE F 130 -17.61 -26.27 -12.18
N LEU F 131 -16.73 -26.10 -11.20
CA LEU F 131 -16.89 -25.17 -10.10
C LEU F 131 -16.01 -23.95 -10.40
N VAL F 132 -16.51 -22.71 -10.52
CA VAL F 132 -15.63 -21.59 -10.71
C VAL F 132 -15.81 -20.74 -9.45
N ALA F 133 -14.72 -20.31 -8.81
CA ALA F 133 -14.76 -19.65 -7.53
C ALA F 133 -13.98 -18.35 -7.40
N TYR F 134 -14.34 -17.53 -6.41
CA TYR F 134 -13.67 -16.28 -6.08
C TYR F 134 -13.40 -16.28 -4.57
N ALA F 135 -12.14 -16.13 -4.17
CA ALA F 135 -11.75 -16.05 -2.77
C ALA F 135 -11.33 -14.61 -2.50
N PRO F 136 -12.08 -13.83 -1.70
CA PRO F 136 -11.63 -12.53 -1.22
C PRO F 136 -10.25 -12.69 -0.59
N PRO F 137 -9.37 -11.70 -0.60
CA PRO F 137 -7.98 -11.88 -0.20
C PRO F 137 -7.75 -12.18 1.27
N GLY F 138 -6.51 -12.48 1.63
CA GLY F 138 -6.10 -12.63 3.00
C GLY F 138 -5.86 -14.05 3.48
N ALA F 139 -6.11 -15.08 2.70
CA ALA F 139 -5.87 -16.43 3.15
C ALA F 139 -5.05 -17.05 2.04
N GLN F 140 -4.68 -18.30 2.22
CA GLN F 140 -3.93 -19.03 1.23
C GLN F 140 -4.70 -19.16 -0.07
N PRO F 141 -4.13 -18.84 -1.24
CA PRO F 141 -4.78 -18.97 -2.54
C PRO F 141 -5.25 -20.40 -2.77
N PRO F 142 -6.49 -20.69 -3.18
CA PRO F 142 -6.98 -22.05 -3.29
C PRO F 142 -6.12 -22.96 -4.16
N THR F 143 -5.73 -24.09 -3.62
CA THR F 143 -5.06 -25.11 -4.41
C THR F 143 -5.92 -26.33 -4.63
N SER F 144 -7.06 -26.50 -3.95
CA SER F 144 -7.90 -27.65 -4.16
C SER F 144 -9.33 -27.19 -4.22
N ARG F 145 -10.24 -28.02 -4.74
CA ARG F 145 -11.63 -27.68 -4.84
C ARG F 145 -12.18 -27.48 -3.45
N LYS F 146 -11.71 -28.29 -2.52
CA LYS F 146 -12.12 -28.23 -1.14
C LYS F 146 -11.92 -26.86 -0.55
N GLU F 147 -10.83 -26.17 -0.87
CA GLU F 147 -10.62 -24.82 -0.38
C GLU F 147 -11.36 -23.81 -1.22
N ALA F 148 -11.42 -23.99 -2.53
CA ALA F 148 -12.09 -23.07 -3.42
C ALA F 148 -13.58 -22.97 -3.13
N MET F 149 -14.25 -24.07 -2.79
CA MET F 149 -15.67 -24.07 -2.54
C MET F 149 -16.09 -23.38 -1.26
N LEU F 150 -15.16 -22.97 -0.41
CA LEU F 150 -15.51 -22.22 0.78
C LEU F 150 -15.69 -20.75 0.46
N GLY F 151 -15.31 -20.25 -0.72
CA GLY F 151 -15.50 -18.86 -1.10
C GLY F 151 -16.68 -18.70 -2.04
N THR F 152 -16.78 -17.58 -2.75
CA THR F 152 -17.93 -17.33 -3.61
C THR F 152 -17.82 -18.31 -4.79
N HIS F 153 -18.83 -19.03 -5.23
CA HIS F 153 -18.61 -19.91 -6.37
C HIS F 153 -19.90 -20.21 -7.06
N VAL F 154 -19.79 -20.69 -8.29
CA VAL F 154 -20.91 -21.10 -9.13
C VAL F 154 -20.56 -22.50 -9.60
N ILE F 155 -21.51 -23.43 -9.55
CA ILE F 155 -21.31 -24.73 -10.14
C ILE F 155 -22.07 -24.69 -11.46
N TRP F 156 -21.31 -24.77 -12.55
CA TRP F 156 -21.78 -24.74 -13.93
C TRP F 156 -22.14 -26.13 -14.44
N ASP F 157 -23.38 -26.36 -14.91
CA ASP F 157 -23.71 -27.62 -15.54
C ASP F 157 -23.70 -27.38 -17.04
N LEU F 158 -22.87 -28.09 -17.82
CA LEU F 158 -22.83 -27.89 -19.27
C LEU F 158 -24.11 -28.41 -19.88
N GLY F 159 -24.64 -27.77 -20.92
CA GLY F 159 -25.89 -28.21 -21.51
C GLY F 159 -26.30 -27.25 -22.62
N LEU F 160 -27.57 -27.10 -22.98
CA LEU F 160 -27.93 -26.21 -24.08
C LEU F 160 -27.55 -24.76 -23.87
N GLN F 161 -27.69 -24.20 -22.66
CA GLN F 161 -27.19 -22.87 -22.45
C GLN F 161 -25.70 -23.15 -22.32
N SER F 162 -24.98 -22.66 -23.31
CA SER F 162 -23.56 -22.93 -23.46
C SER F 162 -22.61 -22.27 -22.49
N SER F 163 -23.04 -21.19 -21.83
CA SER F 163 -22.14 -20.35 -21.10
C SER F 163 -22.61 -20.16 -19.67
N CYS F 164 -21.73 -19.78 -18.75
CA CYS F 164 -22.06 -19.58 -17.35
C CYS F 164 -21.36 -18.32 -16.88
N THR F 165 -22.02 -17.46 -16.09
CA THR F 165 -21.44 -16.24 -15.57
C THR F 165 -21.22 -16.34 -14.06
N MET F 166 -20.02 -16.03 -13.59
CA MET F 166 -19.79 -15.92 -12.17
C MET F 166 -19.62 -14.42 -11.93
N VAL F 167 -20.28 -13.84 -10.94
CA VAL F 167 -20.09 -12.44 -10.63
C VAL F 167 -19.13 -12.38 -9.43
N VAL F 168 -18.10 -11.55 -9.52
CA VAL F 168 -17.14 -11.35 -8.45
C VAL F 168 -17.71 -10.11 -7.76
N PRO F 169 -18.43 -10.19 -6.63
CA PRO F 169 -19.02 -9.05 -5.96
C PRO F 169 -17.95 -8.09 -5.49
N TRP F 170 -18.18 -6.77 -5.47
CA TRP F 170 -17.24 -5.86 -4.86
C TRP F 170 -17.14 -6.19 -3.36
N ILE F 171 -16.02 -6.71 -2.88
CA ILE F 171 -15.83 -6.99 -1.45
C ILE F 171 -14.47 -6.37 -1.23
N SER F 172 -14.38 -5.22 -0.56
CA SER F 172 -13.14 -4.49 -0.42
C SER F 172 -13.16 -3.73 0.90
N ASN F 173 -11.95 -3.50 1.43
CA ASN F 173 -11.82 -2.63 2.58
C ASN F 173 -11.81 -1.18 2.12
N VAL F 174 -10.90 -0.79 1.21
CA VAL F 174 -10.83 0.56 0.68
C VAL F 174 -12.03 0.84 -0.25
N THR F 175 -12.40 2.12 -0.49
CA THR F 175 -13.55 2.41 -1.31
C THR F 175 -13.21 2.33 -2.80
N TYR F 176 -11.92 2.39 -3.13
CA TYR F 176 -11.40 2.28 -4.47
C TYR F 176 -10.09 1.52 -4.36
N ARG F 177 -9.79 0.57 -5.26
CA ARG F 177 -8.52 -0.14 -5.28
C ARG F 177 -7.61 0.52 -6.29
N GLN F 178 -6.31 0.26 -6.25
CA GLN F 178 -5.37 0.78 -7.23
C GLN F 178 -5.36 -0.07 -8.46
N THR F 179 -5.10 0.51 -9.63
CA THR F 179 -4.98 -0.30 -10.82
C THR F 179 -3.58 -0.95 -10.87
N THR F 180 -2.49 -0.43 -10.28
CA THR F 180 -1.27 -1.20 -10.18
C THR F 180 -1.41 -2.32 -9.18
N GLN F 181 -0.43 -3.23 -9.06
CA GLN F 181 -0.50 -4.27 -8.07
C GLN F 181 -0.05 -3.72 -6.74
N ASP F 182 -0.83 -3.86 -5.69
CA ASP F 182 -0.44 -3.41 -4.38
C ASP F 182 -1.11 -4.37 -3.43
N SER F 183 -0.40 -4.90 -2.43
CA SER F 183 -1.00 -5.76 -1.45
C SER F 183 -2.00 -5.06 -0.57
N PHE F 184 -1.83 -3.76 -0.32
CA PHE F 184 -2.80 -3.06 0.47
C PHE F 184 -4.18 -3.07 -0.20
N THR F 185 -4.25 -3.07 -1.52
CA THR F 185 -5.53 -3.02 -2.19
C THR F 185 -5.71 -4.25 -3.07
N GLU F 186 -5.17 -5.39 -2.69
CA GLU F 186 -5.27 -6.62 -3.46
C GLU F 186 -6.70 -7.11 -3.52
N GLY F 187 -7.08 -7.80 -4.59
CA GLY F 187 -8.48 -8.17 -4.81
C GLY F 187 -8.83 -9.62 -4.61
N GLY F 188 -7.94 -10.60 -4.44
CA GLY F 188 -8.39 -11.96 -4.26
C GLY F 188 -8.06 -12.85 -5.44
N TYR F 189 -8.66 -14.03 -5.43
CA TYR F 189 -8.25 -15.11 -6.33
C TYR F 189 -9.36 -15.79 -7.04
N ILE F 190 -9.21 -16.07 -8.32
CA ILE F 190 -10.20 -16.84 -9.07
C ILE F 190 -9.56 -18.17 -9.42
N SER F 191 -10.28 -19.25 -9.19
CA SER F 191 -9.79 -20.58 -9.49
C SER F 191 -10.95 -21.35 -10.11
N MET F 192 -10.68 -22.46 -10.80
CA MET F 192 -11.72 -23.25 -11.43
C MET F 192 -11.30 -24.72 -11.27
N PHE F 193 -12.21 -25.63 -10.96
CA PHE F 193 -11.93 -27.04 -10.73
C PHE F 193 -13.04 -27.84 -11.36
N TYR F 194 -12.81 -29.10 -11.67
CA TYR F 194 -13.86 -29.96 -12.17
C TYR F 194 -14.75 -30.32 -10.99
N GLN F 195 -16.08 -30.29 -11.15
CA GLN F 195 -16.99 -30.71 -10.10
C GLN F 195 -17.27 -32.19 -10.32
N THR F 196 -17.44 -32.70 -11.55
CA THR F 196 -17.49 -34.13 -11.79
C THR F 196 -16.38 -34.32 -12.82
N ARG F 197 -16.61 -34.48 -14.12
CA ARG F 197 -15.55 -34.50 -15.13
C ARG F 197 -16.24 -34.33 -16.46
N ILE F 198 -15.50 -34.05 -17.54
CA ILE F 198 -16.07 -34.00 -18.88
C ILE F 198 -16.38 -35.46 -19.20
N VAL F 199 -17.54 -35.86 -19.69
CA VAL F 199 -17.81 -37.24 -20.10
C VAL F 199 -18.22 -37.14 -21.56
N VAL F 200 -17.74 -38.00 -22.47
CA VAL F 200 -18.17 -37.99 -23.88
C VAL F 200 -18.51 -39.44 -24.24
N PRO F 201 -19.36 -39.77 -25.22
CA PRO F 201 -19.50 -41.13 -25.72
C PRO F 201 -18.38 -41.55 -26.67
N LEU F 202 -18.46 -42.67 -27.37
CA LEU F 202 -17.41 -43.02 -28.31
C LEU F 202 -17.57 -42.13 -29.53
N SER F 203 -16.54 -42.07 -30.39
CA SER F 203 -16.55 -41.31 -31.62
C SER F 203 -16.74 -39.82 -31.45
N THR F 204 -16.33 -39.30 -30.29
CA THR F 204 -16.48 -37.89 -29.96
C THR F 204 -15.11 -37.39 -29.53
N PRO F 205 -14.67 -36.17 -29.83
CA PRO F 205 -13.43 -35.63 -29.34
C PRO F 205 -13.41 -35.65 -27.81
N LYS F 206 -12.31 -36.06 -27.19
CA LYS F 206 -12.16 -36.14 -25.75
C LYS F 206 -11.57 -34.89 -25.12
N SER F 207 -11.15 -33.92 -25.94
CA SER F 207 -10.59 -32.66 -25.53
C SER F 207 -11.33 -31.56 -26.24
N MET F 208 -11.39 -30.36 -25.69
CA MET F 208 -12.11 -29.28 -26.31
C MET F 208 -11.69 -28.00 -25.64
N SER F 209 -11.97 -26.85 -26.25
CA SER F 209 -11.62 -25.58 -25.65
C SER F 209 -12.75 -24.98 -24.88
N MET F 210 -12.36 -24.19 -23.91
CA MET F 210 -13.24 -23.35 -23.15
C MET F 210 -12.67 -21.94 -23.40
N LEU F 211 -13.53 -20.95 -23.61
CA LEU F 211 -13.12 -19.56 -23.83
C LEU F 211 -13.63 -18.75 -22.65
N GLY F 212 -13.03 -17.66 -22.20
CA GLY F 212 -13.51 -16.92 -21.04
C GLY F 212 -13.68 -15.46 -21.41
N PHE F 213 -14.61 -14.74 -20.80
CA PHE F 213 -14.90 -13.34 -21.15
C PHE F 213 -15.00 -12.56 -19.85
N VAL F 214 -14.67 -11.26 -19.82
CA VAL F 214 -14.80 -10.45 -18.60
C VAL F 214 -15.43 -9.10 -18.94
N SER F 215 -16.27 -8.57 -18.04
CA SER F 215 -16.81 -7.23 -18.19
C SER F 215 -17.17 -6.70 -16.82
N ALA F 216 -17.35 -5.40 -16.74
CA ALA F 216 -17.72 -4.70 -15.53
C ALA F 216 -19.21 -4.78 -15.32
N CYS F 217 -19.66 -4.77 -14.08
CA CYS F 217 -21.06 -4.68 -13.79
C CYS F 217 -21.44 -3.20 -13.80
N ASN F 218 -22.71 -2.90 -13.62
CA ASN F 218 -23.20 -1.55 -13.61
C ASN F 218 -22.85 -0.72 -12.38
N ASP F 219 -22.14 -1.26 -11.39
CA ASP F 219 -21.73 -0.47 -10.26
C ASP F 219 -20.25 -0.13 -10.36
N PHE F 220 -19.63 -0.24 -11.53
CA PHE F 220 -18.20 -0.10 -11.63
C PHE F 220 -17.82 1.31 -12.04
N SER F 221 -16.79 1.90 -11.46
CA SER F 221 -16.29 3.20 -11.87
C SER F 221 -14.77 3.21 -11.70
N VAL F 222 -14.14 4.20 -12.31
CA VAL F 222 -12.72 4.46 -12.28
C VAL F 222 -12.51 5.94 -11.98
N ARG F 223 -11.33 6.33 -11.48
CA ARG F 223 -11.02 7.73 -11.27
C ARG F 223 -9.51 7.93 -11.29
N LEU F 224 -9.11 9.19 -11.38
CA LEU F 224 -7.78 9.76 -11.53
C LEU F 224 -7.09 9.28 -12.80
N LEU F 225 -7.37 10.04 -13.87
CA LEU F 225 -6.88 9.80 -15.21
C LEU F 225 -5.35 9.79 -15.20
N ARG F 226 -4.67 8.90 -15.93
CA ARG F 226 -3.22 8.80 -15.92
C ARG F 226 -2.79 8.21 -17.25
N ASP F 227 -1.52 8.30 -17.63
CA ASP F 227 -1.09 7.68 -18.87
C ASP F 227 -0.92 6.19 -18.71
N THR F 228 -1.08 5.46 -19.81
CA THR F 228 -1.00 4.02 -19.74
C THR F 228 0.43 3.59 -19.96
N THR F 229 0.81 2.43 -19.44
CA THR F 229 2.09 1.85 -19.79
C THR F 229 1.92 1.05 -21.08
N HIS F 230 0.73 0.92 -21.68
CA HIS F 230 0.59 0.04 -22.82
C HIS F 230 0.96 0.63 -24.17
N ILE F 231 1.54 1.81 -24.32
CA ILE F 231 1.96 2.33 -25.61
C ILE F 231 3.18 3.17 -25.28
N SER F 232 4.19 3.18 -26.13
CA SER F 232 5.33 4.05 -25.93
C SER F 232 5.86 4.45 -27.29
N GLN F 233 6.93 5.22 -27.27
CA GLN F 233 7.49 5.75 -28.49
C GLN F 233 8.97 5.88 -28.24
N SER F 234 9.82 5.41 -29.13
CA SER F 234 11.26 5.58 -28.92
C SER F 234 11.73 6.80 -29.69
N ALA F 235 12.88 7.33 -29.27
CA ALA F 235 13.47 8.52 -29.90
C ALA F 235 14.06 8.15 -31.27
#